data_4Z4H
#
_entry.id   4Z4H
#
_cell.length_a   55.695
_cell.length_b   116.602
_cell.length_c   70.099
_cell.angle_alpha   90.00
_cell.angle_beta   92.29
_cell.angle_gamma   90.00
#
_symmetry.space_group_name_H-M   'P 1 21 1'
#
loop_
_entity.id
_entity.type
_entity.pdbx_description
1 polymer 'Protein argonaute-2'
2 polymer "RNA (5'-R(P*UP*UP*CP*AP*CP*AP*UP*UP*GP*CP*CP*CP*AP*AP*GP*UP*CP*UP*UP*U)-3')"
3 polymer "RNA (5'-R(*CP*AP*AP*UP*GP*UP*GP*A)-3')"
4 non-polymer 'MAGNESIUM ION'
5 non-polymer PHENOL
6 water water
#
loop_
_entity_poly.entity_id
_entity_poly.type
_entity_poly.pdbx_seq_one_letter_code
_entity_poly.pdbx_strand_id
1 'polypeptide(L)'
;MYSGAGPALAPPAPPPPIQGYAFKPPPRPDFGTSGRTIKLQANFFEMDIPKIDIYHYELDIKPEKCPRRVNREIVEHMVQ
HFKTQIFGDRKPVFDGRKNLYTAMPLPIGRDKVELEVTLPGEGKDRIFKVSIKWVSCVSLQALHDALSGRLPSVPFETIQ
ALDVVMRHLPSMRYTPVGRSFFTASEGCSNPLGGGREVWFGFHQSVRPSLWKMMLNIDVSATAFYKAQPVIEFVCEVLDF
KSIEEQQKPLTDSQRVKFTKEIKGLKVEITHCGQMKRKYRVCNVTRRPASHQTFPLQQESGQTVECTVAQYFKDRHKLVL
RYPHLPCLQVGQEQKHTYLPLEVCNIVAGQRCIKKLTDNQTSTMIRATARSAPDRQEEISKLMRSADFNTDPYVREFGIM
VKDEMTDVTGRVLQPPSILYGGRNKAIATPVQGVWDMRNKQFHTGIEIKVWAIACFAPQRQCTEVHLKSFTEQLRKISRD
TGMPIQGQPCFCKYAQGADSVEPMFRHLKNTYAGLQLVVVILPGKTPVYAEVKRVGDTVLGMATQCVQMKNVQRTTPQTL
SNLCLKINVKLGGVNNILLPQGRPPVFQQPVIFLGADVTHPPAGDGKKPSIAAVVGSMDAHPNRYCATVRVQQHRQEIIQ
DLAAMVRELLIQFYKSTRFKPTRIIFYRDGVSEGQFQQVLHHELLAIREACIKLEKDYQPGITFIVVQKRHHTRLFCTDK
NERVGKSGNIPAGTTVDTKITHPTEFDFYLCSHAGIQGTSRPSHYHVLWDDNRFSSDELQILTYQLCHTYVRCTRSVSIP
APAYYAHLVAFRARYHLVDKEHDSAEGSHTSGQSNGRDHQALAKAVQVHQDTLRTMYFA
;
A
2 'polyribonucleotide' UUCACAUUGCCCAAGUCUCUU B
3 'polyribonucleotide' CAAUGUGAAAA D
#
loop_
_chem_comp.id
_chem_comp.type
_chem_comp.name
_chem_comp.formula
A RNA linking ADENOSINE-5'-MONOPHOSPHATE 'C10 H14 N5 O7 P'
C RNA linking CYTIDINE-5'-MONOPHOSPHATE 'C9 H14 N3 O8 P'
G RNA linking GUANOSINE-5'-MONOPHOSPHATE 'C10 H14 N5 O8 P'
IPH non-polymer PHENOL 'C6 H6 O'
MG non-polymer 'MAGNESIUM ION' 'Mg 2'
U RNA linking URIDINE-5'-MONOPHOSPHATE 'C9 H13 N2 O9 P'
#
# COMPACT_ATOMS: atom_id res chain seq x y z
N ALA A 22 18.75 -20.71 -7.93
CA ALA A 22 17.91 -19.98 -7.01
C ALA A 22 17.83 -18.52 -7.41
N PHE A 23 17.74 -18.25 -8.70
CA PHE A 23 17.78 -16.88 -9.16
C PHE A 23 16.84 -16.45 -10.28
N LYS A 24 17.01 -16.94 -11.49
CA LYS A 24 16.16 -16.49 -12.59
C LYS A 24 14.75 -17.05 -12.61
N PRO A 25 13.74 -16.11 -12.84
CA PRO A 25 12.37 -16.67 -12.79
C PRO A 25 12.03 -17.57 -13.94
N PRO A 26 11.10 -18.47 -13.74
CA PRO A 26 10.74 -19.40 -14.82
C PRO A 26 9.99 -18.72 -15.94
N PRO A 27 10.11 -19.23 -17.17
CA PRO A 27 9.34 -18.64 -18.26
C PRO A 27 7.88 -19.06 -18.19
N ARG A 28 7.02 -18.36 -18.91
CA ARG A 28 5.62 -18.72 -18.96
C ARG A 28 5.48 -20.15 -19.53
N PRO A 29 4.87 -21.08 -18.76
CA PRO A 29 4.74 -22.45 -19.27
C PRO A 29 3.77 -22.58 -20.44
N ASP A 30 2.72 -21.76 -20.40
CA ASP A 30 1.65 -21.84 -21.37
C ASP A 30 0.69 -20.69 -21.11
N PHE A 31 -0.43 -20.66 -21.83
CA PHE A 31 -1.49 -19.69 -21.58
C PHE A 31 -2.73 -20.37 -21.03
N GLY A 32 -3.49 -19.65 -20.21
CA GLY A 32 -4.70 -20.20 -19.63
C GLY A 32 -5.79 -20.37 -20.68
N THR A 33 -6.64 -21.36 -20.48
CA THR A 33 -7.72 -21.66 -21.42
C THR A 33 -9.06 -21.74 -20.70
N SER A 34 -9.03 -21.52 -19.38
CA SER A 34 -10.21 -21.75 -18.55
C SER A 34 -11.07 -20.49 -18.44
N GLY A 35 -12.37 -20.69 -18.40
CA GLY A 35 -13.33 -19.60 -18.21
C GLY A 35 -13.77 -18.95 -19.51
N ARG A 36 -14.97 -18.39 -19.51
CA ARG A 36 -15.49 -17.70 -20.69
C ARG A 36 -14.72 -16.42 -20.92
N THR A 37 -14.69 -15.95 -22.16
CA THR A 37 -13.94 -14.76 -22.52
C THR A 37 -14.71 -13.49 -22.18
N ILE A 38 -13.97 -12.40 -22.01
CA ILE A 38 -14.55 -11.11 -21.72
C ILE A 38 -13.68 -10.02 -22.37
N LYS A 39 -14.34 -9.03 -22.97
CA LYS A 39 -13.64 -7.92 -23.62
C LYS A 39 -13.28 -6.85 -22.61
N LEU A 40 -11.98 -6.54 -22.55
CA LEU A 40 -11.47 -5.61 -21.56
C LEU A 40 -10.64 -4.49 -22.20
N GLN A 41 -10.54 -3.37 -21.49
CA GLN A 41 -9.63 -2.30 -21.84
C GLN A 41 -8.72 -2.02 -20.66
N ALA A 42 -7.44 -1.83 -20.95
CA ALA A 42 -6.43 -1.59 -19.93
C ALA A 42 -5.86 -0.19 -20.09
N ASN A 43 -5.44 0.40 -18.98
CA ASN A 43 -4.83 1.72 -19.05
C ASN A 43 -3.35 1.61 -19.45
N PHE A 44 -3.11 0.81 -20.48
CA PHE A 44 -1.81 0.69 -21.13
C PHE A 44 -1.95 1.29 -22.52
N PHE A 45 -0.97 2.07 -22.95
CA PHE A 45 -1.03 2.73 -24.25
C PHE A 45 0.19 2.36 -25.09
N GLU A 46 -0.08 1.67 -26.20
CA GLU A 46 0.94 1.11 -27.06
C GLU A 46 1.95 2.17 -27.52
N MET A 47 3.23 1.80 -27.51
CA MET A 47 4.30 2.68 -27.94
C MET A 47 5.01 2.10 -29.15
N ASP A 48 5.24 2.95 -30.15
CA ASP A 48 6.05 2.60 -31.30
C ASP A 48 7.45 3.19 -31.12
N ILE A 49 8.42 2.30 -30.93
CA ILE A 49 9.81 2.70 -30.71
C ILE A 49 10.62 2.51 -31.99
N PRO A 50 11.44 3.50 -32.37
CA PRO A 50 12.29 3.32 -33.54
C PRO A 50 13.40 2.31 -33.28
N LYS A 51 13.84 1.60 -34.32
CA LYS A 51 14.94 0.64 -34.16
C LYS A 51 16.29 1.29 -34.44
N ILE A 52 16.65 2.27 -33.60
CA ILE A 52 17.89 3.03 -33.78
C ILE A 52 18.65 3.11 -32.46
N ASP A 53 19.97 3.17 -32.56
CA ASP A 53 20.83 3.36 -31.40
C ASP A 53 20.68 4.77 -30.85
N ILE A 54 20.56 4.88 -29.53
CA ILE A 54 20.54 6.17 -28.86
C ILE A 54 21.76 6.24 -27.95
N TYR A 55 22.26 7.44 -27.71
CA TYR A 55 23.58 7.63 -27.11
C TYR A 55 23.48 8.09 -25.66
N HIS A 56 24.14 7.34 -24.79
CA HIS A 56 24.09 7.54 -23.35
C HIS A 56 25.34 8.27 -22.87
N TYR A 57 25.15 9.35 -22.12
CA TYR A 57 26.25 10.16 -21.59
C TYR A 57 26.15 10.28 -20.07
N GLU A 58 27.29 10.14 -19.41
CA GLU A 58 27.38 10.37 -17.97
C GLU A 58 27.64 11.87 -17.75
N LEU A 59 27.19 12.37 -16.61
CA LEU A 59 27.33 13.78 -16.26
C LEU A 59 27.90 13.90 -14.85
N ASP A 60 28.40 15.08 -14.51
CA ASP A 60 28.78 15.37 -13.12
C ASP A 60 28.67 16.86 -12.89
N ILE A 61 27.98 17.24 -11.82
CA ILE A 61 27.73 18.65 -11.52
C ILE A 61 28.30 18.99 -10.15
N LYS A 62 29.24 19.94 -10.13
CA LYS A 62 29.88 20.34 -8.88
C LYS A 62 29.41 21.74 -8.49
N PRO A 63 28.76 21.88 -7.32
CA PRO A 63 28.44 20.89 -6.28
C PRO A 63 27.30 19.95 -6.67
N GLU A 64 27.25 18.77 -6.06
CA GLU A 64 26.20 17.78 -6.37
C GLU A 64 25.35 17.45 -5.14
N LYS A 65 25.17 18.43 -4.27
CA LYS A 65 24.22 18.30 -3.18
C LYS A 65 22.89 18.93 -3.59
N CYS A 66 22.83 19.40 -4.83
CA CYS A 66 21.68 20.12 -5.33
C CYS A 66 20.46 19.24 -5.47
N PRO A 67 19.25 19.80 -5.26
CA PRO A 67 18.03 19.06 -5.54
C PRO A 67 17.97 18.60 -6.98
N ARG A 68 17.20 17.54 -7.23
CA ARG A 68 17.11 16.97 -8.56
C ARG A 68 16.59 17.99 -9.56
N ARG A 69 15.68 18.83 -9.12
CA ARG A 69 15.09 19.83 -10.01
C ARG A 69 16.14 20.87 -10.41
N VAL A 70 17.02 21.22 -9.48
CA VAL A 70 18.08 22.19 -9.75
C VAL A 70 19.07 21.66 -10.79
N ASN A 71 19.31 20.35 -10.75
CA ASN A 71 20.19 19.73 -11.74
C ASN A 71 19.61 19.79 -13.14
N ARG A 72 18.29 19.66 -13.24
CA ARG A 72 17.62 19.77 -14.53
C ARG A 72 17.75 21.20 -15.06
N GLU A 73 17.68 22.17 -14.16
CA GLU A 73 17.84 23.58 -14.53
C GLU A 73 19.22 23.81 -15.11
N ILE A 74 20.22 23.30 -14.41
CA ILE A 74 21.61 23.44 -14.82
C ILE A 74 21.82 22.89 -16.23
N VAL A 75 21.31 21.70 -16.50
CA VAL A 75 21.43 21.10 -17.81
C VAL A 75 20.56 21.83 -18.82
N GLU A 76 19.40 22.31 -18.37
CA GLU A 76 18.49 23.07 -19.23
C GLU A 76 19.23 24.25 -19.86
N HIS A 77 19.81 25.11 -19.03
CA HIS A 77 20.53 26.27 -19.52
C HIS A 77 21.81 25.85 -20.23
N MET A 78 22.53 24.91 -19.62
CA MET A 78 23.79 24.43 -20.17
C MET A 78 23.64 23.96 -21.62
N VAL A 79 22.47 23.43 -21.95
CA VAL A 79 22.23 22.94 -23.30
C VAL A 79 22.04 24.11 -24.26
N GLN A 80 21.33 25.15 -23.82
CA GLN A 80 21.06 26.28 -24.69
C GLN A 80 22.25 27.25 -24.73
N HIS A 81 22.95 27.38 -23.60
CA HIS A 81 24.11 28.27 -23.51
C HIS A 81 25.25 27.78 -24.40
N PHE A 82 25.25 26.48 -24.69
CA PHE A 82 26.30 25.84 -25.49
C PHE A 82 25.74 25.17 -26.75
N LYS A 83 24.65 25.72 -27.28
CA LYS A 83 24.00 25.18 -28.48
C LYS A 83 24.98 24.95 -29.61
N THR A 84 25.82 25.94 -29.85
CA THR A 84 26.74 25.92 -30.97
C THR A 84 28.06 25.28 -30.57
N GLN A 85 28.48 24.30 -31.36
CA GLN A 85 29.71 23.52 -31.18
C GLN A 85 29.50 22.32 -30.27
N ILE A 86 28.32 22.20 -29.68
CA ILE A 86 28.00 21.03 -28.85
C ILE A 86 26.59 20.47 -29.07
N PHE A 87 25.55 21.29 -28.87
CA PHE A 87 24.16 20.82 -28.86
C PHE A 87 23.32 21.43 -29.98
N GLY A 88 23.83 21.37 -31.20
CA GLY A 88 23.09 21.83 -32.37
C GLY A 88 21.79 21.08 -32.55
N ARG A 90 20.65 17.02 -30.56
CA ARG A 90 20.00 18.32 -30.67
C ARG A 90 19.14 18.63 -29.45
N LYS A 91 18.14 17.79 -29.19
CA LYS A 91 17.28 17.92 -28.02
C LYS A 91 17.45 16.74 -27.05
N PRO A 92 18.39 16.85 -26.11
CA PRO A 92 18.63 15.68 -25.26
C PRO A 92 17.71 15.61 -24.04
N VAL A 93 17.65 14.44 -23.41
CA VAL A 93 16.87 14.24 -22.19
C VAL A 93 17.80 13.90 -21.03
N PHE A 94 17.35 14.21 -19.82
CA PHE A 94 18.19 14.14 -18.62
C PHE A 94 17.41 13.55 -17.45
N ASP A 95 18.03 12.64 -16.71
CA ASP A 95 17.34 11.91 -15.66
C ASP A 95 17.33 12.67 -14.33
N GLY A 96 17.99 13.82 -14.30
CA GLY A 96 18.02 14.66 -13.11
C GLY A 96 19.22 14.42 -12.21
N ARG A 97 19.99 13.37 -12.49
CA ARG A 97 21.22 13.10 -11.73
C ARG A 97 22.44 13.10 -12.66
N LYS A 98 22.67 12.00 -13.36
CA LYS A 98 23.95 11.77 -14.02
C LYS A 98 23.84 11.17 -15.43
N ASN A 99 22.62 10.96 -15.91
CA ASN A 99 22.43 10.31 -17.21
C ASN A 99 21.71 11.18 -18.23
N LEU A 100 22.34 11.34 -19.38
CA LEU A 100 21.84 12.17 -20.47
C LEU A 100 21.80 11.36 -21.76
N TYR A 101 20.67 11.43 -22.49
CA TYR A 101 20.48 10.64 -23.69
C TYR A 101 20.23 11.52 -24.92
N THR A 102 20.86 11.17 -26.03
CA THR A 102 20.67 11.88 -27.30
C THR A 102 20.25 10.90 -28.39
N ALA A 103 19.44 11.38 -29.34
CA ALA A 103 19.02 10.56 -30.46
C ALA A 103 20.16 10.41 -31.48
N MET A 104 20.98 11.45 -31.59
CA MET A 104 22.14 11.44 -32.46
C MET A 104 23.39 11.80 -31.66
N PRO A 105 24.57 11.30 -32.09
CA PRO A 105 25.77 11.48 -31.27
C PRO A 105 26.25 12.93 -31.24
N LEU A 106 27.01 13.25 -30.19
CA LEU A 106 27.56 14.60 -30.02
C LEU A 106 28.98 14.65 -30.55
N PRO A 107 29.61 15.85 -30.54
CA PRO A 107 31.05 15.96 -30.81
C PRO A 107 31.86 15.60 -29.55
N ILE A 108 32.11 14.30 -29.34
CA ILE A 108 32.65 13.84 -28.05
C ILE A 108 33.74 12.77 -28.15
N GLY A 109 33.39 11.58 -28.62
CA GLY A 109 34.20 10.40 -28.34
C GLY A 109 34.03 10.10 -26.87
N ARG A 110 35.00 9.41 -26.27
CA ARG A 110 34.97 9.19 -24.82
C ARG A 110 35.60 10.36 -24.08
N ASP A 111 35.96 11.40 -24.83
CA ASP A 111 36.58 12.59 -24.25
C ASP A 111 35.64 13.32 -23.30
N LYS A 112 36.14 13.64 -22.11
CA LYS A 112 35.45 14.54 -21.20
C LYS A 112 35.29 15.90 -21.84
N VAL A 113 34.37 16.69 -21.30
CA VAL A 113 34.29 18.10 -21.64
C VAL A 113 33.87 18.86 -20.39
N GLU A 114 34.79 19.63 -19.83
CA GLU A 114 34.50 20.44 -18.66
C GLU A 114 33.80 21.72 -19.09
N LEU A 115 32.57 21.91 -18.61
CA LEU A 115 31.76 23.06 -18.95
C LEU A 115 31.44 23.89 -17.70
N GLU A 116 31.53 25.21 -17.85
CA GLU A 116 31.18 26.13 -16.78
C GLU A 116 29.87 26.82 -17.12
N VAL A 117 28.87 26.60 -16.29
CA VAL A 117 27.53 27.10 -16.55
C VAL A 117 27.13 28.12 -15.50
N THR A 118 26.24 29.03 -15.88
CA THR A 118 25.78 30.10 -15.00
C THR A 118 24.26 30.10 -14.93
N LEU A 119 23.73 30.45 -13.76
CA LEU A 119 22.29 30.37 -13.51
C LEU A 119 21.88 31.36 -12.41
N PRO A 120 20.85 32.18 -12.65
CA PRO A 120 20.38 33.06 -11.56
C PRO A 120 19.76 32.26 -10.42
N ILE A 127 26.78 29.31 -10.95
CA ILE A 127 28.14 28.98 -10.54
C ILE A 127 28.30 27.46 -10.44
N PHE A 128 28.27 26.78 -11.59
CA PHE A 128 28.38 25.33 -11.63
C PHE A 128 29.35 24.86 -12.70
N LYS A 129 29.98 23.71 -12.44
CA LYS A 129 30.86 23.06 -13.39
C LYS A 129 30.28 21.70 -13.78
N VAL A 130 30.08 21.50 -15.08
CA VAL A 130 29.47 20.27 -15.57
C VAL A 130 30.41 19.49 -16.49
N SER A 131 30.77 18.28 -16.07
CA SER A 131 31.60 17.38 -16.87
C SER A 131 30.70 16.39 -17.60
N ILE A 132 31.09 16.04 -18.83
CA ILE A 132 30.30 15.13 -19.66
C ILE A 132 31.16 14.02 -20.27
N LYS A 133 30.94 12.80 -19.80
CA LYS A 133 31.60 11.61 -20.37
C LYS A 133 30.62 10.73 -21.11
N TRP A 134 30.98 10.37 -22.32
CA TRP A 134 30.30 9.30 -23.01
C TRP A 134 30.44 8.03 -22.20
N VAL A 135 29.49 7.12 -22.33
CA VAL A 135 29.52 5.85 -21.63
C VAL A 135 29.23 4.68 -22.57
N SER A 136 28.13 4.77 -23.31
CA SER A 136 27.71 3.65 -24.14
C SER A 136 26.65 4.02 -25.16
N CYS A 137 26.41 3.08 -26.08
CA CYS A 137 25.28 3.15 -27.00
C CYS A 137 24.15 2.27 -26.47
N VAL A 138 22.92 2.73 -26.64
CA VAL A 138 21.74 1.96 -26.25
C VAL A 138 20.91 1.64 -27.49
N SER A 139 20.89 0.38 -27.87
CA SER A 139 20.22 -0.05 -29.08
C SER A 139 18.76 -0.38 -28.81
N LEU A 140 17.86 0.41 -29.41
CA LEU A 140 16.44 0.14 -29.31
C LEU A 140 16.07 -1.07 -30.17
N GLN A 141 17.00 -1.47 -31.03
CA GLN A 141 16.84 -2.68 -31.83
C GLN A 141 16.85 -3.91 -30.91
N ALA A 142 17.76 -3.91 -29.94
CA ALA A 142 17.90 -5.04 -29.01
C ALA A 142 16.69 -5.14 -28.09
N LEU A 143 15.88 -4.09 -28.05
CA LEU A 143 14.67 -4.09 -27.24
C LEU A 143 13.53 -4.78 -28.00
N HIS A 144 13.45 -4.53 -29.30
CA HIS A 144 12.48 -5.20 -30.16
C HIS A 144 12.70 -6.71 -30.13
N ASP A 145 13.96 -7.11 -30.03
CA ASP A 145 14.33 -8.52 -29.99
C ASP A 145 13.97 -9.14 -28.64
N ALA A 146 14.17 -8.37 -27.56
CA ALA A 146 13.84 -8.83 -26.22
C ALA A 146 12.32 -8.97 -26.06
N LEU A 147 11.58 -8.04 -26.64
CA LEU A 147 10.12 -8.13 -26.65
C LEU A 147 9.65 -9.25 -27.56
N SER A 148 10.51 -9.64 -28.49
CA SER A 148 10.27 -10.82 -29.32
C SER A 148 10.78 -12.06 -28.59
N GLY A 149 10.78 -13.20 -29.28
CA GLY A 149 11.32 -14.43 -28.71
C GLY A 149 12.80 -14.55 -28.97
N ARG A 150 13.37 -13.53 -29.61
CA ARG A 150 14.76 -13.56 -30.03
C ARG A 150 15.71 -13.55 -28.84
N LEU A 151 15.63 -12.51 -28.01
CA LEU A 151 16.54 -12.36 -26.87
C LEU A 151 15.92 -12.95 -25.60
N PRO A 152 16.73 -13.63 -24.77
CA PRO A 152 16.19 -14.28 -23.55
C PRO A 152 15.55 -13.32 -22.54
N SER A 153 16.16 -12.17 -22.28
CA SER A 153 15.66 -11.27 -21.24
C SER A 153 15.58 -9.83 -21.73
N VAL A 154 14.89 -8.99 -20.96
CA VAL A 154 14.70 -7.59 -21.30
C VAL A 154 15.84 -6.73 -20.76
N PRO A 155 16.51 -5.95 -21.64
CA PRO A 155 17.60 -5.09 -21.15
C PRO A 155 17.08 -3.90 -20.35
N PHE A 156 17.34 -3.89 -19.04
CA PHE A 156 16.85 -2.83 -18.16
C PHE A 156 17.32 -1.46 -18.60
N GLU A 157 18.59 -1.35 -18.94
CA GLU A 157 19.21 -0.07 -19.32
C GLU A 157 18.46 0.58 -20.49
N THR A 158 17.84 -0.23 -21.33
CA THR A 158 17.08 0.29 -22.45
C THR A 158 15.72 0.81 -22.00
N ILE A 159 15.06 0.05 -21.12
CA ILE A 159 13.77 0.47 -20.57
C ILE A 159 13.98 1.77 -19.79
N GLN A 160 15.10 1.85 -19.07
CA GLN A 160 15.43 3.02 -18.27
C GLN A 160 15.54 4.26 -19.14
N ALA A 161 16.19 4.12 -20.30
CA ALA A 161 16.40 5.24 -21.20
C ALA A 161 15.07 5.77 -21.73
N LEU A 162 14.20 4.85 -22.17
CA LEU A 162 12.87 5.23 -22.64
C LEU A 162 12.09 5.99 -21.57
N ASP A 163 12.26 5.58 -20.32
CA ASP A 163 11.56 6.22 -19.21
C ASP A 163 12.01 7.68 -19.05
N VAL A 164 13.31 7.92 -19.18
CA VAL A 164 13.84 9.27 -19.04
C VAL A 164 13.35 10.16 -20.18
N VAL A 165 13.16 9.56 -21.35
CA VAL A 165 12.62 10.30 -22.49
C VAL A 165 11.21 10.77 -22.19
N MET A 166 10.37 9.86 -21.70
CA MET A 166 8.97 10.17 -21.45
C MET A 166 8.79 11.10 -20.26
N ARG A 167 9.79 11.15 -19.37
CA ARG A 167 9.69 11.91 -18.14
C ARG A 167 10.35 13.28 -18.21
N HIS A 168 11.12 13.53 -19.27
CA HIS A 168 11.91 14.76 -19.35
C HIS A 168 11.05 16.02 -19.23
N LEU A 169 10.10 16.16 -20.13
CA LEU A 169 9.27 17.36 -20.15
C LEU A 169 8.41 17.50 -18.90
N PRO A 170 7.61 16.48 -18.56
CA PRO A 170 6.74 16.64 -17.38
C PRO A 170 7.49 16.84 -16.06
N SER A 171 8.75 16.44 -16.00
CA SER A 171 9.56 16.59 -14.78
C SER A 171 9.91 18.05 -14.48
N MET A 172 9.67 18.92 -15.47
CA MET A 172 9.94 20.34 -15.34
C MET A 172 8.65 21.14 -15.40
N ARG A 173 7.72 20.72 -16.25
CA ARG A 173 6.41 21.36 -16.32
C ARG A 173 5.63 21.19 -15.03
N TYR A 174 5.57 19.94 -14.56
CA TYR A 174 4.76 19.60 -13.38
C TYR A 174 5.63 19.30 -12.17
N THR A 175 4.98 18.88 -11.08
CA THR A 175 5.67 18.55 -9.84
C THR A 175 5.80 17.04 -9.67
N PRO A 176 7.03 16.51 -9.81
CA PRO A 176 7.19 15.05 -9.70
C PRO A 176 6.98 14.52 -8.29
N VAL A 177 6.19 13.46 -8.17
CA VAL A 177 6.03 12.75 -6.90
C VAL A 177 6.03 11.25 -7.20
N GLY A 178 7.14 10.59 -6.89
CA GLY A 178 7.30 9.21 -7.25
C GLY A 178 7.33 9.09 -8.76
N ARG A 179 6.52 8.18 -9.29
CA ARG A 179 6.40 8.00 -10.73
C ARG A 179 5.23 8.81 -11.30
N SER A 180 4.67 9.69 -10.47
CA SER A 180 3.54 10.51 -10.86
C SER A 180 3.94 11.97 -11.09
N PHE A 181 2.99 12.74 -11.59
CA PHE A 181 3.18 14.17 -11.81
C PHE A 181 1.93 14.90 -11.37
N PHE A 182 2.10 16.03 -10.69
CA PHE A 182 0.96 16.78 -10.16
C PHE A 182 1.03 18.26 -10.53
N THR A 183 -0.14 18.88 -10.57
CA THR A 183 -0.25 20.28 -10.94
C THR A 183 -1.57 20.85 -10.42
N ALA A 184 -1.60 22.16 -10.20
CA ALA A 184 -2.85 22.82 -9.84
C ALA A 184 -3.79 22.79 -11.05
N SER A 185 -4.99 22.25 -10.86
CA SER A 185 -5.95 22.12 -11.94
C SER A 185 -6.48 23.48 -12.35
N GLU A 186 -6.37 23.77 -13.64
CA GLU A 186 -6.71 25.08 -14.19
C GLU A 186 -8.20 25.36 -14.09
N GLY A 187 -8.56 26.49 -13.50
CA GLY A 187 -9.94 26.93 -13.44
C GLY A 187 -10.74 26.37 -12.28
N CYS A 188 -10.14 25.44 -11.55
CA CYS A 188 -10.81 24.84 -10.39
C CYS A 188 -9.96 25.01 -9.13
N SER A 189 -10.62 24.97 -7.98
CA SER A 189 -9.94 24.98 -6.70
C SER A 189 -10.60 23.95 -5.79
N ASN A 190 -9.80 23.03 -5.26
CA ASN A 190 -10.29 22.01 -4.34
C ASN A 190 -9.67 22.19 -2.96
N PRO A 191 -10.12 23.21 -2.22
CA PRO A 191 -9.57 23.48 -0.90
C PRO A 191 -9.86 22.35 0.10
N LEU A 192 -8.93 22.15 1.02
CA LEU A 192 -9.09 21.16 2.08
C LEU A 192 -9.20 21.86 3.44
N GLY A 193 -8.80 23.12 3.47
CA GLY A 193 -8.70 23.85 4.73
C GLY A 193 -7.34 23.61 5.34
N GLY A 194 -6.99 24.42 6.33
CA GLY A 194 -5.69 24.31 6.96
C GLY A 194 -4.59 24.73 6.01
N GLY A 195 -4.95 25.46 4.96
CA GLY A 195 -4.00 25.95 3.98
C GLY A 195 -3.63 24.92 2.92
N ARG A 196 -4.45 23.87 2.81
CA ARG A 196 -4.19 22.77 1.89
C ARG A 196 -5.28 22.66 0.83
N GLU A 197 -4.91 22.11 -0.33
CA GLU A 197 -5.86 21.91 -1.43
C GLU A 197 -5.48 20.66 -2.22
N VAL A 198 -6.43 20.14 -2.99
CA VAL A 198 -6.20 18.96 -3.80
C VAL A 198 -5.57 19.34 -5.14
N TRP A 199 -4.46 18.67 -5.47
CA TRP A 199 -3.89 18.72 -6.80
C TRP A 199 -4.17 17.41 -7.52
N PHE A 200 -4.53 17.49 -8.78
CA PHE A 200 -4.75 16.29 -9.57
C PHE A 200 -3.51 16.00 -10.39
N GLY A 201 -3.34 14.75 -10.76
CA GLY A 201 -2.14 14.33 -11.45
C GLY A 201 -2.31 12.99 -12.13
N PHE A 202 -1.19 12.39 -12.51
CA PHE A 202 -1.23 11.09 -13.17
C PHE A 202 0.06 10.33 -12.93
N HIS A 203 -0.06 9.00 -12.84
CA HIS A 203 1.10 8.11 -12.82
C HIS A 203 1.54 7.80 -14.24
N GLN A 204 2.85 7.67 -14.43
CA GLN A 204 3.41 7.34 -15.73
C GLN A 204 4.57 6.38 -15.60
N SER A 205 4.50 5.26 -16.32
CA SER A 205 5.58 4.29 -16.33
C SER A 205 5.65 3.58 -17.66
N VAL A 206 6.87 3.20 -18.03
CA VAL A 206 7.12 2.48 -19.27
C VAL A 206 7.33 1.02 -18.94
N ARG A 207 6.60 0.16 -19.63
CA ARG A 207 6.62 -1.28 -19.36
C ARG A 207 6.73 -2.10 -20.64
N PRO A 208 7.57 -3.14 -20.64
CA PRO A 208 7.56 -4.08 -21.75
C PRO A 208 6.35 -5.01 -21.63
N SER A 209 5.90 -5.58 -22.73
CA SER A 209 4.79 -6.52 -22.69
C SER A 209 4.91 -7.54 -23.80
N LEU A 210 3.99 -8.50 -23.81
CA LEU A 210 3.97 -9.53 -24.83
C LEU A 210 3.78 -8.94 -26.22
N TRP A 211 3.10 -7.80 -26.27
CA TRP A 211 2.74 -7.17 -27.53
C TRP A 211 3.77 -6.12 -27.94
N LYS A 212 3.73 -4.96 -27.28
CA LYS A 212 4.65 -3.87 -27.56
C LYS A 212 5.15 -3.26 -26.26
N MET A 213 5.89 -2.16 -26.37
CA MET A 213 6.15 -1.32 -25.21
C MET A 213 4.87 -0.58 -24.88
N MET A 214 4.58 -0.45 -23.59
CA MET A 214 3.35 0.18 -23.13
C MET A 214 3.64 1.36 -22.22
N LEU A 215 2.89 2.43 -22.43
CA LEU A 215 2.87 3.55 -21.50
C LEU A 215 1.70 3.35 -20.55
N ASN A 216 2.01 3.08 -19.28
CA ASN A 216 1.00 2.88 -18.26
C ASN A 216 0.65 4.22 -17.63
N ILE A 217 -0.62 4.64 -17.82
CA ILE A 217 -1.11 5.91 -17.34
C ILE A 217 -2.31 5.72 -16.41
N ASP A 218 -2.31 6.41 -15.28
CA ASP A 218 -3.45 6.38 -14.36
C ASP A 218 -3.54 7.73 -13.66
N VAL A 219 -4.76 8.19 -13.41
CA VAL A 219 -4.97 9.47 -12.75
C VAL A 219 -4.87 9.29 -11.23
N SER A 220 -4.46 10.34 -10.55
CA SER A 220 -4.43 10.35 -9.09
C SER A 220 -4.57 11.77 -8.56
N ALA A 221 -4.65 11.87 -7.24
CA ALA A 221 -4.75 13.15 -6.56
C ALA A 221 -4.08 13.08 -5.20
N THR A 222 -3.52 14.20 -4.76
CA THR A 222 -2.88 14.29 -3.45
C THR A 222 -3.01 15.71 -2.91
N ALA A 223 -2.67 15.87 -1.64
CA ALA A 223 -2.79 17.16 -0.96
C ALA A 223 -1.53 18.00 -1.13
N PHE A 224 -1.74 19.27 -1.48
CA PHE A 224 -0.65 20.24 -1.57
C PHE A 224 -0.99 21.47 -0.74
N TYR A 225 0.03 22.17 -0.26
CA TYR A 225 -0.16 23.43 0.44
C TYR A 225 -0.47 24.52 -0.57
N LYS A 226 -1.49 25.32 -0.28
CA LYS A 226 -1.83 26.45 -1.13
C LYS A 226 -0.70 27.45 -1.19
N ALA A 227 -0.35 27.89 -2.40
CA ALA A 227 0.65 28.92 -2.58
C ALA A 227 0.04 30.30 -2.32
N GLN A 228 -0.07 30.66 -1.05
CA GLN A 228 -0.76 31.87 -0.64
C GLN A 228 0.14 32.64 0.33
N PRO A 229 -0.25 33.89 0.67
CA PRO A 229 0.50 34.62 1.69
C PRO A 229 0.47 33.89 3.03
N VAL A 230 1.56 33.93 3.77
CA VAL A 230 1.61 33.29 5.09
C VAL A 230 0.48 33.79 5.97
N ILE A 231 0.12 35.06 5.80
CA ILE A 231 -1.00 35.67 6.50
C ILE A 231 -2.31 34.91 6.28
N GLU A 232 -2.61 34.55 5.03
CA GLU A 232 -3.79 33.75 4.74
C GLU A 232 -3.64 32.34 5.29
N PHE A 233 -2.41 31.84 5.28
CA PHE A 233 -2.12 30.50 5.82
C PHE A 233 -2.41 30.46 7.32
N VAL A 234 -2.04 31.53 8.03
CA VAL A 234 -2.33 31.63 9.46
C VAL A 234 -3.82 31.55 9.73
N CYS A 235 -4.60 32.31 8.97
CA CYS A 235 -6.04 32.40 9.19
C CYS A 235 -6.73 31.04 9.03
N GLU A 236 -6.35 30.29 8.01
CA GLU A 236 -6.97 28.99 7.76
C GLU A 236 -6.56 27.97 8.82
N VAL A 237 -5.34 28.08 9.31
CA VAL A 237 -4.83 27.17 10.33
C VAL A 237 -5.52 27.43 11.68
N LEU A 238 -5.67 28.70 12.02
CA LEU A 238 -6.25 29.11 13.29
C LEU A 238 -7.75 29.35 13.19
N ASP A 239 -8.30 29.15 12.00
CA ASP A 239 -9.73 29.28 11.76
C ASP A 239 -10.24 30.70 12.01
N PHE A 240 -9.51 31.68 11.44
CA PHE A 240 -9.95 33.07 11.43
C PHE A 240 -10.73 33.35 10.15
N LYS A 241 -11.84 34.07 10.26
CA LYS A 241 -12.56 34.53 9.08
C LYS A 241 -11.71 35.54 8.34
N SER A 242 -10.85 36.22 9.08
CA SER A 242 -9.92 37.20 8.52
C SER A 242 -8.92 37.60 9.60
N ILE A 243 -7.82 38.22 9.18
CA ILE A 243 -6.89 38.80 10.14
C ILE A 243 -7.53 40.07 10.68
N GLU A 244 -6.93 40.66 11.71
CA GLU A 244 -7.54 41.80 12.38
C GLU A 244 -8.56 41.29 13.39
N GLU A 245 -8.66 39.96 13.47
CA GLU A 245 -9.46 39.28 14.47
C GLU A 245 -8.59 38.25 15.19
N GLN A 246 -7.73 38.68 16.11
CA GLN A 246 -7.63 40.07 16.59
C GLN A 246 -6.27 40.69 16.28
N GLN A 247 -6.10 41.92 16.77
CA GLN A 247 -4.86 42.66 16.61
C GLN A 247 -3.98 42.52 17.85
N LYS A 248 -4.36 41.61 18.75
CA LYS A 248 -3.52 41.22 19.87
C LYS A 248 -2.57 40.13 19.42
N PRO A 249 -1.39 40.04 20.04
CA PRO A 249 -0.50 38.92 19.75
C PRO A 249 -1.17 37.57 20.01
N LEU A 250 -0.72 36.54 19.31
CA LEU A 250 -1.31 35.21 19.44
C LEU A 250 -1.12 34.65 20.84
N THR A 251 -2.09 33.86 21.30
CA THR A 251 -1.91 33.07 22.50
C THR A 251 -0.87 32.01 22.18
N ASP A 252 -0.16 31.53 23.20
CA ASP A 252 0.80 30.45 22.98
C ASP A 252 0.11 29.21 22.43
N SER A 253 -1.18 29.07 22.74
CA SER A 253 -1.99 27.97 22.21
C SER A 253 -2.14 28.10 20.70
N GLN A 254 -2.34 29.32 20.24
CA GLN A 254 -2.45 29.60 18.82
C GLN A 254 -1.09 29.58 18.13
N ARG A 255 -0.09 30.14 18.80
CA ARG A 255 1.25 30.25 18.22
C ARG A 255 1.89 28.87 18.03
N VAL A 256 1.53 27.91 18.89
CA VAL A 256 2.06 26.56 18.80
C VAL A 256 1.41 25.80 17.66
N LYS A 257 0.08 25.86 17.58
CA LYS A 257 -0.65 25.20 16.51
C LYS A 257 -0.13 25.66 15.15
N PHE A 258 0.10 26.97 15.02
CA PHE A 258 0.59 27.54 13.78
C PHE A 258 2.03 27.14 13.48
N THR A 259 2.85 27.05 14.52
CA THR A 259 4.24 26.67 14.38
C THR A 259 4.33 25.23 13.84
N LYS A 260 3.47 24.36 14.34
CA LYS A 260 3.48 22.96 13.94
C LYS A 260 3.09 22.78 12.49
N GLU A 261 2.29 23.72 11.97
CA GLU A 261 1.78 23.62 10.62
C GLU A 261 2.77 24.12 9.58
N ILE A 262 3.52 25.16 9.92
CA ILE A 262 4.38 25.83 8.95
C ILE A 262 5.87 25.43 9.05
N LYS A 263 6.23 24.75 10.13
CA LYS A 263 7.63 24.35 10.32
C LYS A 263 8.04 23.32 9.27
N GLY A 264 9.18 23.57 8.62
CA GLY A 264 9.68 22.70 7.58
C GLY A 264 9.23 23.11 6.19
N LEU A 265 8.21 23.95 6.12
CA LEU A 265 7.71 24.42 4.83
C LEU A 265 8.61 25.49 4.25
N LYS A 266 8.62 25.59 2.93
CA LYS A 266 9.40 26.63 2.26
C LYS A 266 8.54 27.87 2.06
N VAL A 267 9.18 29.04 2.12
CA VAL A 267 8.51 30.31 1.89
C VAL A 267 9.38 31.20 1.01
N GLU A 268 8.74 32.14 0.32
CA GLU A 268 9.45 33.07 -0.57
C GLU A 268 9.12 34.53 -0.26
N ILE A 269 10.10 35.40 -0.49
CA ILE A 269 9.97 36.82 -0.21
C ILE A 269 9.63 37.60 -1.47
N LYS A 276 11.70 35.55 -5.53
CA LYS A 276 13.10 35.79 -5.85
C LYS A 276 14.00 35.00 -4.91
N ARG A 277 13.57 34.88 -3.66
CA ARG A 277 14.38 34.27 -2.61
C ARG A 277 13.59 33.26 -1.79
N LYS A 278 14.07 32.02 -1.77
CA LYS A 278 13.37 30.92 -1.10
C LYS A 278 14.03 30.54 0.23
N TYR A 279 13.18 30.20 1.21
CA TYR A 279 13.63 29.86 2.55
C TYR A 279 12.76 28.77 3.17
N ARG A 280 13.39 27.85 3.90
CA ARG A 280 12.63 26.85 4.66
C ARG A 280 12.48 27.31 6.10
N VAL A 281 11.23 27.29 6.58
CA VAL A 281 10.92 27.72 7.94
C VAL A 281 11.35 26.68 8.97
N CYS A 282 12.19 27.09 9.91
CA CYS A 282 12.68 26.19 10.95
C CYS A 282 12.03 26.47 12.30
N ASN A 283 11.47 27.67 12.46
CA ASN A 283 10.82 28.02 13.72
C ASN A 283 10.00 29.31 13.64
N VAL A 284 9.06 29.45 14.56
CA VAL A 284 8.28 30.69 14.72
C VAL A 284 8.66 31.39 16.02
N THR A 285 9.05 32.66 15.92
CA THR A 285 9.49 33.42 17.09
C THR A 285 8.39 33.58 18.12
N ARG A 286 8.78 33.77 19.38
CA ARG A 286 7.82 33.95 20.47
C ARG A 286 7.31 35.37 20.53
N ARG A 287 8.21 36.33 20.34
CA ARG A 287 7.88 37.74 20.46
C ARG A 287 7.34 38.30 19.14
N PRO A 288 6.40 39.27 19.21
CA PRO A 288 5.95 39.97 18.01
C PRO A 288 7.09 40.62 17.24
N ALA A 289 6.86 40.95 15.97
CA ALA A 289 7.89 41.56 15.14
C ALA A 289 8.31 42.93 15.69
N SER A 290 7.42 43.55 16.45
CA SER A 290 7.69 44.86 17.05
C SER A 290 8.69 44.77 18.20
N HIS A 291 8.80 43.58 18.81
CA HIS A 291 9.64 43.41 19.99
C HIS A 291 10.72 42.36 19.77
N GLN A 292 10.54 41.48 18.78
CA GLN A 292 11.55 40.47 18.45
C GLN A 292 12.78 41.16 17.89
N THR A 293 13.95 40.85 18.43
CA THR A 293 15.19 41.56 18.10
C THR A 293 16.28 40.66 17.52
N PHE A 294 17.37 41.31 17.08
CA PHE A 294 18.55 40.61 16.58
C PHE A 294 19.73 41.57 16.58
N PRO A 295 20.96 41.06 16.76
CA PRO A 295 22.15 41.91 16.67
C PRO A 295 22.60 42.15 15.22
N LEU A 296 22.91 43.40 14.89
CA LEU A 296 23.22 43.76 13.50
C LEU A 296 24.72 43.61 13.23
N CYS A 306 18.30 45.32 17.60
CA CYS A 306 17.35 45.96 16.70
C CYS A 306 16.14 45.07 16.44
N THR A 307 14.95 45.63 16.57
CA THR A 307 13.71 44.86 16.39
C THR A 307 13.45 44.58 14.91
N VAL A 308 12.71 43.50 14.64
CA VAL A 308 12.43 43.12 13.26
C VAL A 308 11.59 44.19 12.56
N ALA A 309 10.56 44.68 13.25
CA ALA A 309 9.68 45.70 12.68
C ALA A 309 10.46 46.97 12.36
N GLN A 310 11.54 47.22 13.10
CA GLN A 310 12.34 48.42 12.90
C GLN A 310 13.38 48.24 11.80
N TYR A 311 13.88 47.02 11.64
CA TYR A 311 14.85 46.74 10.60
C TYR A 311 14.24 46.92 9.21
N PHE A 312 13.00 46.47 9.06
CA PHE A 312 12.29 46.57 7.79
C PHE A 312 11.84 48.02 7.54
N LYS A 313 11.69 48.79 8.61
CA LYS A 313 11.38 50.21 8.50
C LYS A 313 12.54 50.99 7.90
N ASP A 314 13.74 50.72 8.40
CA ASP A 314 14.93 51.46 8.03
C ASP A 314 15.53 50.95 6.71
N ARG A 315 15.80 49.65 6.67
CA ARG A 315 16.50 49.06 5.53
C ARG A 315 15.62 48.95 4.29
N HIS A 316 14.42 48.43 4.46
CA HIS A 316 13.53 48.15 3.32
C HIS A 316 12.39 49.17 3.18
N LYS A 317 12.32 50.12 4.11
CA LYS A 317 11.30 51.18 4.05
C LYS A 317 9.89 50.61 4.07
N LEU A 318 9.70 49.52 4.82
CA LEU A 318 8.39 48.87 4.97
C LEU A 318 7.86 49.00 6.39
N VAL A 319 6.65 49.53 6.52
CA VAL A 319 5.95 49.60 7.81
C VAL A 319 4.98 48.43 7.88
N LEU A 320 5.22 47.53 8.83
CA LEU A 320 4.42 46.32 8.96
C LEU A 320 2.99 46.62 9.41
N ARG A 321 2.03 45.98 8.73
CA ARG A 321 0.62 46.22 9.00
C ARG A 321 0.12 45.44 10.21
N TYR A 322 0.82 44.35 10.54
CA TYR A 322 0.47 43.51 11.68
C TYR A 322 1.72 43.22 12.52
N PRO A 323 2.27 44.26 13.17
CA PRO A 323 3.49 44.10 13.98
C PRO A 323 3.27 43.21 15.20
N HIS A 324 2.02 43.06 15.61
CA HIS A 324 1.68 42.28 16.81
C HIS A 324 1.88 40.78 16.62
N LEU A 325 2.14 40.36 15.38
CA LEU A 325 2.30 38.95 15.06
C LEU A 325 3.76 38.54 15.07
N PRO A 326 4.03 37.26 15.35
CA PRO A 326 5.41 36.76 15.39
C PRO A 326 6.09 36.73 14.02
N CYS A 327 7.35 36.29 14.01
CA CYS A 327 8.11 36.18 12.77
C CYS A 327 8.51 34.74 12.51
N LEU A 328 8.74 34.43 11.24
CA LEU A 328 9.26 33.13 10.84
C LEU A 328 10.77 33.14 10.91
N GLN A 329 11.35 32.19 11.64
CA GLN A 329 12.79 32.00 11.61
C GLN A 329 13.14 31.05 10.47
N VAL A 330 13.99 31.51 9.56
CA VAL A 330 14.26 30.77 8.34
C VAL A 330 15.73 30.47 8.14
N GLY A 331 16.00 29.42 7.37
CA GLY A 331 17.35 29.01 7.06
C GLY A 331 17.94 28.10 8.13
N GLN A 332 19.15 28.43 8.56
CA GLN A 332 19.83 27.65 9.58
C GLN A 332 19.24 27.97 10.96
N GLU A 333 18.82 26.92 11.66
CA GLU A 333 18.22 27.06 12.98
C GLU A 333 19.13 27.79 13.97
N GLN A 334 20.43 27.81 13.66
CA GLN A 334 21.43 28.36 14.57
C GLN A 334 21.83 29.79 14.22
N LYS A 335 21.06 30.41 13.33
CA LYS A 335 21.25 31.83 13.00
C LYS A 335 19.98 32.61 13.31
N HIS A 336 20.04 33.92 13.12
CA HIS A 336 18.97 34.82 13.57
C HIS A 336 18.28 35.52 12.39
N THR A 337 17.95 34.73 11.37
CA THR A 337 17.22 35.25 10.22
C THR A 337 15.71 35.15 10.46
N TYR A 338 15.07 36.29 10.66
CA TYR A 338 13.64 36.36 10.97
C TYR A 338 12.88 37.16 9.92
N LEU A 339 11.83 36.56 9.37
CA LEU A 339 10.99 37.21 8.36
C LEU A 339 9.60 37.51 8.94
N PRO A 340 9.07 38.71 8.68
CA PRO A 340 7.67 38.96 9.07
C PRO A 340 6.69 38.13 8.23
N LEU A 341 5.52 37.84 8.78
CA LEU A 341 4.52 37.03 8.07
C LEU A 341 3.99 37.73 6.82
N GLU A 342 4.03 39.05 6.82
CA GLU A 342 3.39 39.84 5.78
C GLU A 342 4.12 39.81 4.44
N VAL A 343 5.45 39.65 4.48
CA VAL A 343 6.28 39.68 3.28
C VAL A 343 6.58 38.28 2.75
N CYS A 344 5.83 37.29 3.23
CA CYS A 344 6.10 35.88 2.90
C CYS A 344 4.92 35.21 2.21
N ASN A 345 5.25 34.38 1.22
CA ASN A 345 4.28 33.48 0.61
C ASN A 345 4.73 32.03 0.82
N ILE A 346 3.77 31.13 0.93
CA ILE A 346 4.08 29.70 0.82
C ILE A 346 4.45 29.42 -0.63
N VAL A 347 5.63 28.85 -0.87
CA VAL A 347 6.05 28.61 -2.25
C VAL A 347 5.25 27.43 -2.80
N ALA A 348 4.85 27.54 -4.06
CA ALA A 348 3.97 26.55 -4.69
C ALA A 348 4.69 25.23 -4.92
N GLY A 349 3.90 24.16 -4.99
CA GLY A 349 4.40 22.84 -5.37
C GLY A 349 5.02 22.05 -4.23
N GLN A 350 4.52 22.25 -3.01
CA GLN A 350 4.96 21.50 -1.84
C GLN A 350 3.88 20.54 -1.39
N ARG A 351 4.15 19.24 -1.53
CA ARG A 351 3.19 18.22 -1.13
C ARG A 351 3.01 18.18 0.37
N CYS A 352 1.79 17.87 0.81
CA CYS A 352 1.50 17.73 2.22
C CYS A 352 1.85 16.33 2.69
N ILE A 353 2.94 16.21 3.44
CA ILE A 353 3.42 14.93 3.94
C ILE A 353 2.67 14.52 5.20
N LYS A 354 2.34 15.50 6.04
CA LYS A 354 1.62 15.23 7.28
C LYS A 354 0.29 14.56 6.98
N LYS A 355 -0.23 13.83 7.97
CA LYS A 355 -1.55 13.22 7.85
C LYS A 355 -2.61 14.30 7.75
N LEU A 356 -3.60 14.08 6.90
CA LEU A 356 -4.74 14.98 6.81
C LEU A 356 -5.64 14.77 8.02
N THR A 357 -6.46 15.77 8.32
CA THR A 357 -7.43 15.64 9.40
C THR A 357 -8.58 14.75 8.95
N ASP A 358 -9.52 14.48 9.85
CA ASP A 358 -10.67 13.65 9.52
C ASP A 358 -11.54 14.33 8.47
N ASN A 359 -11.68 15.65 8.58
CA ASN A 359 -12.51 16.40 7.64
C ASN A 359 -11.79 16.61 6.32
N GLN A 360 -10.49 16.86 6.37
CA GLN A 360 -9.69 16.98 5.16
C GLN A 360 -9.72 15.68 4.37
N THR A 361 -9.64 14.56 5.10
CA THR A 361 -9.74 13.25 4.49
C THR A 361 -11.10 13.11 3.81
N SER A 362 -12.17 13.34 4.55
CA SER A 362 -13.52 13.25 4.02
C SER A 362 -13.68 14.08 2.76
N THR A 363 -13.08 15.27 2.76
CA THR A 363 -13.12 16.16 1.60
C THR A 363 -12.37 15.54 0.43
N MET A 364 -11.20 14.99 0.73
CA MET A 364 -10.36 14.35 -0.28
C MET A 364 -11.09 13.18 -0.95
N ILE A 365 -11.75 12.35 -0.14
CA ILE A 365 -12.48 11.20 -0.65
C ILE A 365 -13.58 11.63 -1.62
N ARG A 366 -14.38 12.62 -1.22
CA ARG A 366 -15.46 13.12 -2.06
C ARG A 366 -14.94 13.66 -3.38
N ALA A 367 -13.83 14.36 -3.32
CA ALA A 367 -13.30 15.05 -4.48
C ALA A 367 -12.77 14.08 -5.54
N THR A 368 -12.32 12.91 -5.11
CA THR A 368 -11.58 12.00 -6.00
C THR A 368 -12.25 10.64 -6.23
N ALA A 369 -13.34 10.37 -5.52
CA ALA A 369 -14.06 9.10 -5.70
C ALA A 369 -14.66 9.02 -7.09
N ARG A 370 -14.49 7.87 -7.74
CA ARG A 370 -14.90 7.69 -9.13
C ARG A 370 -15.23 6.23 -9.44
N SER A 371 -16.41 6.00 -10.01
CA SER A 371 -16.79 4.67 -10.48
C SER A 371 -15.80 4.21 -11.53
N ALA A 372 -15.89 2.94 -11.92
CA ALA A 372 -14.96 2.41 -12.91
C ALA A 372 -15.10 3.12 -14.26
N PRO A 373 -16.35 3.30 -14.76
CA PRO A 373 -16.48 4.00 -16.03
C PRO A 373 -16.02 5.45 -15.97
N ASP A 374 -16.30 6.12 -14.86
CA ASP A 374 -15.87 7.50 -14.69
C ASP A 374 -14.36 7.59 -14.70
N ARG A 375 -13.68 6.67 -14.02
CA ARG A 375 -12.22 6.66 -14.01
C ARG A 375 -11.69 6.38 -15.41
N GLN A 376 -12.34 5.45 -16.11
CA GLN A 376 -11.97 5.12 -17.48
C GLN A 376 -11.96 6.37 -18.35
N GLU A 377 -13.00 7.18 -18.22
CA GLU A 377 -13.13 8.38 -19.03
C GLU A 377 -12.10 9.44 -18.62
N GLU A 378 -11.84 9.55 -17.32
CA GLU A 378 -10.85 10.51 -16.82
C GLU A 378 -9.45 10.21 -17.36
N ILE A 379 -9.13 8.92 -17.48
CA ILE A 379 -7.84 8.52 -18.04
C ILE A 379 -7.79 8.85 -19.52
N SER A 380 -8.83 8.46 -20.24
CA SER A 380 -8.91 8.72 -21.68
C SER A 380 -8.84 10.21 -21.97
N LYS A 381 -9.61 11.00 -21.25
CA LYS A 381 -9.60 12.44 -21.42
C LYS A 381 -8.21 13.02 -21.16
N LEU A 382 -7.56 12.54 -20.11
CA LEU A 382 -6.20 12.98 -19.79
C LEU A 382 -5.24 12.74 -20.94
N MET A 383 -5.34 11.55 -21.53
CA MET A 383 -4.40 11.13 -22.56
C MET A 383 -4.56 11.91 -23.87
N ARG A 384 -5.80 12.18 -24.24
CA ARG A 384 -6.05 12.97 -25.43
C ARG A 384 -5.50 14.38 -25.23
N SER A 385 -5.76 14.95 -24.08
CA SER A 385 -5.22 16.24 -23.71
C SER A 385 -3.74 16.20 -23.47
N ALA A 386 -3.22 15.03 -23.12
CA ALA A 386 -1.80 14.90 -22.84
C ALA A 386 -0.96 15.21 -24.04
N ASP A 387 -1.39 14.72 -25.19
CA ASP A 387 -0.71 15.03 -26.40
C ASP A 387 0.77 14.74 -26.33
N PHE A 388 1.11 13.52 -26.00
CA PHE A 388 2.48 13.09 -25.82
C PHE A 388 3.25 13.25 -27.11
N ASN A 389 2.61 12.96 -28.21
CA ASN A 389 3.24 12.94 -29.52
C ASN A 389 3.74 14.31 -29.99
N THR A 390 3.28 15.38 -29.34
CA THR A 390 3.75 16.72 -29.67
C THR A 390 4.90 17.13 -28.76
N ASP A 391 5.21 16.30 -27.77
CA ASP A 391 6.34 16.53 -26.90
C ASP A 391 7.61 16.58 -27.77
N PRO A 392 8.33 17.71 -27.75
CA PRO A 392 9.51 17.85 -28.62
C PRO A 392 10.58 16.79 -28.35
N TYR A 393 10.71 16.38 -27.09
CA TYR A 393 11.71 15.39 -26.71
C TYR A 393 11.30 13.97 -27.06
N VAL A 394 10.01 13.68 -26.91
CA VAL A 394 9.47 12.39 -27.32
C VAL A 394 9.70 12.22 -28.81
N ARG A 395 9.52 13.31 -29.55
CA ARG A 395 9.63 13.26 -30.99
C ARG A 395 11.08 13.25 -31.45
N GLU A 396 11.97 13.84 -30.65
CA GLU A 396 13.39 13.78 -30.93
C GLU A 396 13.83 12.33 -31.04
N PHE A 397 13.25 11.48 -30.20
CA PHE A 397 13.56 10.06 -30.18
C PHE A 397 12.55 9.25 -30.98
N GLY A 398 11.78 9.94 -31.82
CA GLY A 398 10.88 9.30 -32.77
C GLY A 398 9.87 8.35 -32.16
N ILE A 399 9.49 8.58 -30.91
CA ILE A 399 8.55 7.71 -30.22
C ILE A 399 7.12 8.17 -30.49
N MET A 400 6.24 7.19 -30.72
CA MET A 400 4.82 7.45 -30.93
C MET A 400 3.99 6.72 -29.87
N VAL A 401 3.02 7.42 -29.30
CA VAL A 401 2.15 6.85 -28.27
C VAL A 401 0.69 6.85 -28.75
N LYS A 402 0.07 5.67 -28.74
CA LYS A 402 -1.34 5.55 -29.10
C LYS A 402 -2.22 6.25 -28.07
N ASP A 403 -3.23 6.95 -28.55
CA ASP A 403 -4.09 7.74 -27.67
C ASP A 403 -5.28 6.94 -27.13
N GLU A 404 -5.35 5.66 -27.49
CA GLU A 404 -6.44 4.79 -27.06
C GLU A 404 -5.95 3.65 -26.17
N MET A 405 -6.78 3.26 -25.21
CA MET A 405 -6.48 2.13 -24.34
C MET A 405 -6.33 0.85 -25.15
N THR A 406 -5.32 0.07 -24.78
CA THR A 406 -5.11 -1.25 -25.36
C THR A 406 -6.30 -2.16 -25.06
N ASP A 407 -6.77 -2.86 -26.09
CA ASP A 407 -7.78 -3.90 -25.90
C ASP A 407 -7.09 -5.19 -25.50
N VAL A 408 -7.64 -5.85 -24.50
CA VAL A 408 -7.14 -7.14 -24.06
C VAL A 408 -8.31 -8.07 -23.78
N THR A 409 -8.14 -9.35 -24.12
CA THR A 409 -9.14 -10.37 -23.82
C THR A 409 -8.83 -11.06 -22.50
N GLY A 410 -9.78 -11.01 -21.58
CA GLY A 410 -9.65 -11.71 -20.32
C GLY A 410 -10.50 -12.96 -20.34
N ARG A 411 -10.39 -13.77 -19.31
CA ARG A 411 -11.29 -14.87 -19.13
C ARG A 411 -11.90 -14.73 -17.76
N VAL A 412 -13.15 -15.11 -17.59
CA VAL A 412 -13.74 -15.14 -16.27
C VAL A 412 -13.79 -16.55 -15.76
N LEU A 413 -12.98 -16.82 -14.76
CA LEU A 413 -12.93 -18.10 -14.12
C LEU A 413 -14.14 -18.39 -13.33
N GLN A 414 -14.50 -19.64 -13.36
CA GLN A 414 -15.55 -20.17 -12.57
C GLN A 414 -15.16 -20.30 -11.11
N PRO A 415 -16.14 -19.80 -10.25
CA PRO A 415 -15.84 -19.98 -8.83
C PRO A 415 -15.97 -21.39 -8.32
N PRO A 416 -15.19 -21.71 -7.21
CA PRO A 416 -15.44 -23.06 -6.68
C PRO A 416 -16.70 -23.15 -5.83
N SER A 417 -17.20 -24.35 -5.69
CA SER A 417 -18.27 -24.61 -4.75
C SER A 417 -17.75 -24.66 -3.31
N ILE A 418 -18.51 -24.10 -2.40
CA ILE A 418 -18.14 -24.08 -1.01
C ILE A 418 -18.97 -25.08 -0.25
N LEU A 419 -18.31 -25.98 0.45
CA LEU A 419 -19.00 -27.04 1.19
C LEU A 419 -19.16 -26.70 2.67
N TYR A 420 -20.40 -26.80 3.15
CA TYR A 420 -20.72 -26.56 4.54
C TYR A 420 -21.02 -27.88 5.24
N GLY A 421 -21.42 -27.81 6.51
CA GLY A 421 -21.61 -28.99 7.33
C GLY A 421 -23.05 -29.21 7.78
N GLY A 422 -23.21 -29.60 9.03
CA GLY A 422 -24.51 -29.98 9.56
C GLY A 422 -24.98 -31.29 8.97
N ARG A 423 -26.23 -31.66 9.24
CA ARG A 423 -26.83 -32.80 8.55
C ARG A 423 -27.04 -32.41 7.10
N ASN A 424 -27.54 -31.19 6.92
CA ASN A 424 -27.83 -30.62 5.61
C ASN A 424 -26.65 -30.74 4.64
N LYS A 425 -25.45 -30.41 5.11
CA LYS A 425 -24.24 -30.48 4.29
C LYS A 425 -24.41 -29.69 2.99
N ALA A 426 -24.88 -28.45 3.13
CA ALA A 426 -25.22 -27.63 1.99
C ALA A 426 -23.99 -27.25 1.16
N ILE A 427 -24.24 -26.98 -0.13
CA ILE A 427 -23.22 -26.46 -1.01
C ILE A 427 -23.61 -25.04 -1.43
N ALA A 428 -22.71 -24.10 -1.20
CA ALA A 428 -22.91 -22.71 -1.62
C ALA A 428 -22.25 -22.51 -2.98
N THR A 429 -22.87 -21.68 -3.81
CA THR A 429 -22.36 -21.38 -5.13
C THR A 429 -22.16 -19.87 -5.27
N PRO A 430 -20.90 -19.40 -5.21
CA PRO A 430 -20.65 -17.97 -5.34
C PRO A 430 -21.20 -17.39 -6.63
N VAL A 431 -21.87 -16.24 -6.53
CA VAL A 431 -22.34 -15.52 -7.71
C VAL A 431 -21.76 -14.11 -7.67
N GLN A 432 -21.01 -13.77 -8.71
CA GLN A 432 -20.32 -12.49 -8.80
C GLN A 432 -19.50 -12.25 -7.52
N GLY A 433 -18.85 -13.31 -7.05
CA GLY A 433 -17.89 -13.22 -5.97
C GLY A 433 -18.48 -13.17 -4.58
N VAL A 434 -19.74 -13.54 -4.45
CA VAL A 434 -20.44 -13.44 -3.17
C VAL A 434 -21.37 -14.63 -2.94
N TRP A 435 -21.46 -15.07 -1.69
CA TRP A 435 -22.49 -16.01 -1.29
C TRP A 435 -22.94 -15.70 0.13
N ASP A 436 -23.80 -16.55 0.68
CA ASP A 436 -24.40 -16.32 1.99
C ASP A 436 -24.48 -17.62 2.79
N MET A 437 -24.78 -17.50 4.08
CA MET A 437 -24.82 -18.66 4.97
C MET A 437 -26.24 -19.06 5.35
N ARG A 438 -27.23 -18.39 4.78
CA ARG A 438 -28.62 -18.70 5.07
C ARG A 438 -28.90 -20.17 4.75
N ASN A 439 -29.47 -20.87 5.74
CA ASN A 439 -29.77 -22.30 5.65
C ASN A 439 -28.52 -23.16 5.51
N LYS A 440 -27.42 -22.69 6.11
CA LYS A 440 -26.16 -23.42 6.10
C LYS A 440 -25.51 -23.39 7.48
N GLN A 441 -24.72 -24.42 7.77
CA GLN A 441 -24.03 -24.53 9.05
C GLN A 441 -22.56 -24.86 8.83
N PHE A 442 -21.72 -24.44 9.76
CA PHE A 442 -20.27 -24.61 9.63
C PHE A 442 -19.89 -26.06 9.38
N HIS A 443 -18.84 -26.27 8.60
CA HIS A 443 -18.32 -27.61 8.33
C HIS A 443 -18.01 -28.29 9.65
N THR A 444 -17.34 -27.56 10.54
CA THR A 444 -17.09 -28.03 11.90
C THR A 444 -17.34 -26.89 12.87
N GLY A 445 -18.54 -26.86 13.43
CA GLY A 445 -18.93 -25.82 14.35
C GLY A 445 -18.56 -26.16 15.78
N ILE A 446 -18.18 -25.16 16.56
CA ILE A 446 -17.77 -25.37 17.94
C ILE A 446 -18.96 -25.21 18.86
N GLU A 447 -19.07 -26.12 19.83
CA GLU A 447 -20.08 -26.00 20.87
C GLU A 447 -19.52 -25.17 22.01
N ILE A 448 -20.16 -24.05 22.28
CA ILE A 448 -19.70 -23.11 23.31
C ILE A 448 -20.50 -23.31 24.59
N LYS A 449 -19.83 -23.87 25.60
CA LYS A 449 -20.46 -24.22 26.88
C LYS A 449 -20.08 -23.23 27.99
N VAL A 450 -18.85 -22.74 27.94
CA VAL A 450 -18.32 -21.86 28.97
C VAL A 450 -17.78 -20.57 28.37
N TRP A 451 -18.46 -19.46 28.62
CA TRP A 451 -18.04 -18.16 28.11
C TRP A 451 -18.45 -17.03 29.04
N ALA A 452 -17.85 -15.86 28.81
CA ALA A 452 -18.07 -14.70 29.67
C ALA A 452 -18.18 -13.43 28.84
N ILE A 453 -18.86 -12.43 29.41
CA ILE A 453 -18.93 -11.09 28.84
C ILE A 453 -18.23 -10.10 29.77
N ALA A 454 -17.46 -9.19 29.18
CA ALA A 454 -16.82 -8.10 29.92
C ALA A 454 -17.12 -6.79 29.21
N CYS A 455 -17.99 -5.99 29.80
CA CYS A 455 -18.42 -4.73 29.19
C CYS A 455 -17.64 -3.55 29.76
N PHE A 456 -16.81 -2.95 28.91
CA PHE A 456 -16.06 -1.76 29.29
C PHE A 456 -16.76 -0.49 28.86
N ALA A 457 -17.94 -0.65 28.27
CA ALA A 457 -18.79 0.50 27.95
C ALA A 457 -19.51 0.97 29.22
N PRO A 458 -19.82 2.28 29.32
CA PRO A 458 -20.52 2.76 30.52
C PRO A 458 -21.92 2.14 30.63
N GLN A 459 -22.31 1.76 31.84
CA GLN A 459 -23.58 1.06 32.05
C GLN A 459 -24.77 1.92 31.63
N ARG A 460 -24.63 3.24 31.77
CA ARG A 460 -25.66 4.16 31.32
C ARG A 460 -25.95 3.98 29.84
N GLN A 461 -24.87 3.96 29.08
CA GLN A 461 -24.90 3.70 27.65
C GLN A 461 -25.20 2.30 27.21
N CYS A 462 -24.60 1.32 27.86
CA CYS A 462 -24.79 -0.04 27.45
C CYS A 462 -25.34 -0.81 28.59
N THR A 463 -26.65 -0.94 28.58
CA THR A 463 -27.44 -1.51 29.65
C THR A 463 -27.42 -2.99 29.70
N GLU A 464 -27.85 -3.49 30.84
CA GLU A 464 -27.98 -4.90 31.07
C GLU A 464 -29.02 -5.48 30.17
N VAL A 465 -30.02 -4.70 29.88
CA VAL A 465 -31.04 -5.05 28.91
C VAL A 465 -30.49 -5.19 27.51
N HIS A 466 -29.65 -4.24 27.12
CA HIS A 466 -28.94 -4.30 25.84
C HIS A 466 -28.12 -5.57 25.74
N LEU A 467 -27.39 -5.89 26.82
CA LEU A 467 -26.55 -7.08 26.84
C LEU A 467 -27.38 -8.35 26.78
N LYS A 468 -28.51 -8.37 27.49
CA LYS A 468 -29.38 -9.53 27.50
C LYS A 468 -29.96 -9.76 26.11
N SER A 469 -30.37 -8.69 25.46
CA SER A 469 -30.97 -8.77 24.14
C SER A 469 -29.94 -9.17 23.10
N PHE A 470 -28.73 -8.65 23.25
CA PHE A 470 -27.63 -9.01 22.37
C PHE A 470 -27.31 -10.49 22.51
N THR A 471 -27.36 -10.98 23.74
CA THR A 471 -27.07 -12.37 24.01
C THR A 471 -28.16 -13.28 23.43
N GLU A 472 -29.41 -12.83 23.47
CA GLU A 472 -30.51 -13.58 22.88
C GLU A 472 -30.29 -13.79 21.38
N GLN A 473 -30.08 -12.70 20.67
CA GLN A 473 -29.92 -12.73 19.22
C GLN A 473 -28.66 -13.49 18.79
N LEU A 474 -27.57 -13.30 19.52
CA LEU A 474 -26.32 -13.98 19.17
C LEU A 474 -26.47 -15.49 19.31
N ARG A 475 -27.13 -15.93 20.38
CA ARG A 475 -27.37 -17.36 20.60
C ARG A 475 -28.27 -17.93 19.52
N LYS A 476 -29.25 -17.13 19.08
CA LYS A 476 -30.15 -17.55 18.00
C LYS A 476 -29.36 -17.75 16.71
N ILE A 477 -28.54 -16.78 16.37
CA ILE A 477 -27.73 -16.83 15.19
C ILE A 477 -26.69 -17.90 15.27
N SER A 478 -26.14 -18.13 16.43
CA SER A 478 -25.19 -19.19 16.60
C SER A 478 -25.80 -20.57 16.46
N ARG A 479 -27.08 -20.71 16.73
CA ARG A 479 -27.75 -21.97 16.49
C ARG A 479 -27.94 -22.26 15.01
N ASP A 480 -28.41 -21.29 14.27
CA ASP A 480 -28.60 -21.45 12.85
C ASP A 480 -27.31 -21.74 12.17
N THR A 481 -26.30 -21.07 12.64
CA THR A 481 -24.99 -21.07 12.10
C THR A 481 -24.21 -22.36 12.37
N GLY A 482 -24.67 -23.17 13.28
CA GLY A 482 -23.97 -24.38 13.63
C GLY A 482 -22.93 -24.33 14.72
N MET A 483 -22.84 -23.23 15.43
CA MET A 483 -21.89 -23.05 16.49
C MET A 483 -22.65 -22.63 17.73
N PRO A 484 -23.44 -23.56 18.26
CA PRO A 484 -24.42 -23.23 19.30
C PRO A 484 -23.82 -22.82 20.64
N ILE A 485 -24.23 -21.66 21.12
CA ILE A 485 -23.89 -21.21 22.47
C ILE A 485 -24.96 -21.78 23.40
N GLN A 486 -24.62 -22.84 24.11
CA GLN A 486 -25.61 -23.68 24.79
C GLN A 486 -26.30 -23.02 25.98
N GLY A 487 -25.73 -21.97 26.53
CA GLY A 487 -26.33 -21.32 27.67
C GLY A 487 -25.90 -19.88 27.86
N GLN A 488 -26.23 -19.34 29.02
CA GLN A 488 -25.89 -17.96 29.36
C GLN A 488 -24.43 -17.86 29.76
N PRO A 489 -23.85 -16.65 29.70
CA PRO A 489 -22.45 -16.50 30.10
C PRO A 489 -22.26 -16.76 31.60
N CYS A 490 -21.23 -17.53 31.93
CA CYS A 490 -20.94 -17.86 33.32
C CYS A 490 -20.46 -16.65 34.12
N PHE A 491 -20.23 -15.55 33.42
CA PHE A 491 -19.69 -14.34 34.02
C PHE A 491 -20.07 -13.14 33.17
N CYS A 492 -20.51 -12.07 33.82
CA CYS A 492 -20.89 -10.85 33.12
C CYS A 492 -20.79 -9.66 34.06
N LYS A 493 -19.74 -8.87 33.89
CA LYS A 493 -19.48 -7.72 34.76
C LYS A 493 -19.05 -6.48 33.98
N TYR A 494 -19.56 -5.33 34.39
CA TYR A 494 -19.08 -4.06 33.86
C TYR A 494 -17.70 -3.77 34.40
N ALA A 495 -16.96 -2.92 33.70
CA ALA A 495 -15.64 -2.50 34.16
C ALA A 495 -15.24 -1.21 33.45
N GLN A 496 -14.16 -0.60 33.93
CA GLN A 496 -13.68 0.64 33.34
C GLN A 496 -12.16 0.68 33.29
N GLY A 497 -11.64 1.22 32.21
CA GLY A 497 -10.21 1.49 32.09
C GLY A 497 -9.35 0.29 31.78
N ALA A 498 -8.22 0.56 31.14
CA ALA A 498 -7.29 -0.48 30.75
C ALA A 498 -6.77 -1.26 31.97
N ASP A 499 -6.83 -0.64 33.14
CA ASP A 499 -6.28 -1.25 34.35
C ASP A 499 -7.07 -2.47 34.81
N SER A 500 -8.38 -2.45 34.60
CA SER A 500 -9.24 -3.53 35.07
C SER A 500 -9.16 -4.79 34.20
N VAL A 501 -8.52 -4.68 33.05
CA VAL A 501 -8.46 -5.79 32.08
C VAL A 501 -7.74 -7.01 32.64
N GLU A 502 -6.44 -6.89 32.88
CA GLU A 502 -5.63 -8.03 33.29
C GLU A 502 -6.13 -8.71 34.58
N PRO A 503 -6.49 -7.91 35.61
CA PRO A 503 -6.99 -8.60 36.80
C PRO A 503 -8.28 -9.35 36.54
N MET A 504 -9.13 -8.79 35.68
CA MET A 504 -10.39 -9.44 35.34
C MET A 504 -10.15 -10.74 34.58
N PHE A 505 -9.19 -10.72 33.65
CA PHE A 505 -8.94 -11.88 32.82
C PHE A 505 -8.22 -12.98 33.59
N ARG A 506 -7.36 -12.58 34.54
CA ARG A 506 -6.69 -13.55 35.40
C ARG A 506 -7.70 -14.27 36.27
N HIS A 507 -8.67 -13.54 36.78
CA HIS A 507 -9.73 -14.11 37.60
C HIS A 507 -10.54 -15.12 36.80
N LEU A 508 -10.90 -14.76 35.58
CA LEU A 508 -11.69 -15.64 34.72
C LEU A 508 -10.97 -16.95 34.45
N LYS A 509 -9.69 -16.87 34.10
CA LYS A 509 -8.92 -18.06 33.76
C LYS A 509 -8.80 -19.01 34.96
N ASN A 510 -8.62 -18.45 36.14
CA ASN A 510 -8.48 -19.25 37.35
C ASN A 510 -9.81 -19.83 37.83
N THR A 511 -10.87 -19.05 37.67
CA THR A 511 -12.16 -19.39 38.24
C THR A 511 -12.96 -20.39 37.41
N TYR A 512 -13.01 -20.17 36.10
CA TYR A 512 -13.91 -20.94 35.24
C TYR A 512 -13.16 -21.93 34.35
N ALA A 513 -13.21 -23.20 34.76
CA ALA A 513 -12.56 -24.27 34.03
C ALA A 513 -13.20 -24.48 32.67
N GLY A 514 -12.37 -24.69 31.66
CA GLY A 514 -12.85 -24.94 30.31
C GLY A 514 -13.42 -23.70 29.66
N LEU A 515 -13.01 -22.53 30.15
CA LEU A 515 -13.44 -21.27 29.54
C LEU A 515 -12.97 -21.21 28.10
N GLN A 516 -13.91 -20.93 27.19
CA GLN A 516 -13.63 -20.97 25.76
C GLN A 516 -13.47 -19.60 25.15
N LEU A 517 -14.22 -18.63 25.66
CA LEU A 517 -14.28 -17.31 25.04
C LEU A 517 -14.67 -16.21 26.02
N VAL A 518 -14.06 -15.04 25.85
CA VAL A 518 -14.50 -13.83 26.53
C VAL A 518 -14.96 -12.80 25.48
N VAL A 519 -16.24 -12.42 25.54
CA VAL A 519 -16.75 -11.37 24.68
C VAL A 519 -16.59 -10.03 25.38
N VAL A 520 -15.94 -9.09 24.72
CA VAL A 520 -15.62 -7.79 25.31
C VAL A 520 -16.34 -6.65 24.60
N ILE A 521 -17.22 -5.95 25.31
CA ILE A 521 -17.96 -4.83 24.73
C ILE A 521 -17.17 -3.54 24.96
N LEU A 522 -16.92 -2.82 23.87
CA LEU A 522 -16.12 -1.60 23.92
C LEU A 522 -16.96 -0.40 23.51
N PRO A 523 -16.78 0.75 24.20
CA PRO A 523 -17.59 1.94 23.91
C PRO A 523 -17.34 2.50 22.52
N GLY A 524 -16.12 2.31 22.02
CA GLY A 524 -15.75 2.82 20.71
C GLY A 524 -14.25 2.67 20.56
N LYS A 525 -13.62 3.69 19.98
CA LYS A 525 -12.16 3.71 19.90
C LYS A 525 -11.58 3.95 21.27
N THR A 526 -10.83 2.98 21.78
CA THR A 526 -10.28 3.06 23.13
C THR A 526 -8.98 2.27 23.28
N PRO A 527 -8.06 2.75 24.12
CA PRO A 527 -6.82 2.02 24.39
C PRO A 527 -7.04 0.68 25.08
N VAL A 528 -8.27 0.42 25.53
CA VAL A 528 -8.61 -0.84 26.16
C VAL A 528 -8.45 -2.00 25.17
N TYR A 529 -8.80 -1.74 23.90
CA TYR A 529 -8.75 -2.79 22.89
C TYR A 529 -7.35 -3.38 22.82
N ALA A 530 -6.35 -2.53 22.63
CA ALA A 530 -4.96 -2.99 22.54
C ALA A 530 -4.55 -3.75 23.81
N GLU A 531 -5.12 -3.34 24.95
CA GLU A 531 -4.81 -3.99 26.22
C GLU A 531 -5.48 -5.36 26.30
N VAL A 532 -6.74 -5.44 25.90
CA VAL A 532 -7.42 -6.72 25.83
C VAL A 532 -6.64 -7.73 24.98
N LYS A 533 -6.08 -7.25 23.87
CA LYS A 533 -5.33 -8.12 22.97
C LYS A 533 -3.95 -8.45 23.51
N ARG A 534 -3.32 -7.51 24.20
CA ARG A 534 -2.05 -7.79 24.87
C ARG A 534 -2.24 -8.93 25.87
N VAL A 535 -3.24 -8.80 26.73
CA VAL A 535 -3.44 -9.77 27.79
C VAL A 535 -3.93 -11.11 27.23
N GLY A 536 -4.89 -11.04 26.32
CA GLY A 536 -5.46 -12.24 25.73
C GLY A 536 -4.48 -12.99 24.86
N ASP A 537 -3.78 -12.29 23.97
CA ASP A 537 -2.92 -12.95 22.99
C ASP A 537 -1.55 -13.34 23.56
N THR A 538 -0.98 -12.49 24.42
CA THR A 538 0.43 -12.65 24.79
C THR A 538 0.68 -12.99 26.27
N VAL A 539 -0.19 -12.57 27.17
CA VAL A 539 0.04 -12.76 28.60
C VAL A 539 -0.64 -13.99 29.18
N LEU A 540 -1.91 -14.19 28.85
CA LEU A 540 -2.70 -15.28 29.42
C LEU A 540 -3.15 -16.33 28.40
N GLY A 541 -3.09 -15.98 27.11
CA GLY A 541 -3.48 -16.90 26.07
C GLY A 541 -4.95 -17.31 26.17
N MET A 542 -5.83 -16.32 26.05
CA MET A 542 -7.27 -16.55 26.12
C MET A 542 -7.98 -15.93 24.90
N ALA A 543 -8.95 -16.67 24.36
CA ALA A 543 -9.69 -16.19 23.21
C ALA A 543 -10.59 -15.02 23.62
N THR A 544 -10.46 -13.91 22.89
CA THR A 544 -11.30 -12.74 23.09
C THR A 544 -11.99 -12.36 21.79
N GLN A 545 -13.19 -11.83 21.91
CA GLN A 545 -13.90 -11.26 20.77
C GLN A 545 -14.50 -9.95 21.18
N CYS A 546 -13.94 -8.86 20.66
CA CYS A 546 -14.43 -7.54 20.98
C CYS A 546 -15.57 -7.14 20.05
N VAL A 547 -16.51 -6.35 20.57
CA VAL A 547 -17.63 -5.83 19.80
C VAL A 547 -17.89 -4.39 20.21
N GLN A 548 -18.12 -3.52 19.22
CA GLN A 548 -18.46 -2.14 19.54
C GLN A 548 -19.83 -2.07 20.16
N MET A 549 -19.96 -1.20 21.17
CA MET A 549 -21.21 -0.99 21.87
C MET A 549 -22.38 -0.74 20.91
N LYS A 550 -22.15 0.08 19.89
CA LYS A 550 -23.21 0.43 18.94
C LYS A 550 -23.74 -0.79 18.19
N ASN A 551 -22.92 -1.82 18.08
CA ASN A 551 -23.34 -3.06 17.43
C ASN A 551 -23.97 -4.03 18.43
N VAL A 552 -23.98 -3.65 19.70
CA VAL A 552 -24.68 -4.41 20.73
C VAL A 552 -26.05 -3.80 20.93
N GLN A 553 -26.10 -2.46 20.94
CA GLN A 553 -27.33 -1.72 21.13
C GLN A 553 -28.32 -2.01 20.01
N ARG A 554 -27.82 -2.01 18.78
CA ARG A 554 -28.62 -2.39 17.61
C ARG A 554 -27.89 -3.43 16.77
N THR A 555 -28.35 -4.67 16.88
CA THR A 555 -27.77 -5.77 16.13
C THR A 555 -28.54 -6.01 14.83
N THR A 556 -27.94 -6.81 13.95
CA THR A 556 -28.61 -7.25 12.73
C THR A 556 -28.16 -8.68 12.43
N PRO A 557 -28.95 -9.43 11.65
CA PRO A 557 -28.58 -10.81 11.32
C PRO A 557 -27.25 -10.94 10.58
N GLN A 558 -26.92 -9.95 9.75
CA GLN A 558 -25.72 -10.01 8.93
C GLN A 558 -24.47 -9.78 9.77
N THR A 559 -24.54 -8.84 10.69
CA THR A 559 -23.42 -8.52 11.56
C THR A 559 -23.14 -9.69 12.51
N LEU A 560 -24.18 -10.12 13.21
CA LEU A 560 -24.07 -11.24 14.13
C LEU A 560 -23.56 -12.49 13.43
N SER A 561 -24.02 -12.71 12.21
CA SER A 561 -23.58 -13.85 11.41
C SER A 561 -22.07 -13.74 11.15
N ASN A 562 -21.64 -12.57 10.69
CA ASN A 562 -20.21 -12.34 10.45
C ASN A 562 -19.41 -12.50 11.74
N LEU A 563 -20.02 -12.12 12.85
CA LEU A 563 -19.37 -12.19 14.15
C LEU A 563 -19.14 -13.66 14.53
N CYS A 564 -20.08 -14.52 14.15
CA CYS A 564 -19.96 -15.94 14.45
C CYS A 564 -18.88 -16.61 13.59
N LEU A 565 -18.66 -16.09 12.39
CA LEU A 565 -17.60 -16.60 11.53
C LEU A 565 -16.27 -16.50 12.25
N LYS A 566 -16.02 -15.33 12.84
CA LYS A 566 -14.79 -15.09 13.59
C LYS A 566 -14.70 -15.97 14.83
N ILE A 567 -15.79 -16.05 15.58
CA ILE A 567 -15.78 -16.76 16.86
C ILE A 567 -15.50 -18.24 16.67
N ASN A 568 -16.16 -18.84 15.67
CA ASN A 568 -16.00 -20.25 15.39
C ASN A 568 -14.56 -20.57 15.05
N VAL A 569 -13.96 -19.75 14.20
CA VAL A 569 -12.57 -19.92 13.81
C VAL A 569 -11.65 -19.79 15.01
N LYS A 570 -11.85 -18.72 15.79
CA LYS A 570 -11.03 -18.47 16.98
C LYS A 570 -11.06 -19.65 17.95
N LEU A 571 -12.18 -20.33 18.00
CA LEU A 571 -12.37 -21.45 18.92
C LEU A 571 -11.99 -22.79 18.29
N GLY A 572 -11.42 -22.73 17.09
CA GLY A 572 -10.87 -23.91 16.44
C GLY A 572 -11.76 -24.59 15.42
N GLY A 573 -12.87 -23.93 15.06
CA GLY A 573 -13.82 -24.51 14.12
C GLY A 573 -13.39 -24.38 12.68
N VAL A 574 -14.18 -24.97 11.79
CA VAL A 574 -13.98 -24.85 10.35
C VAL A 574 -15.27 -24.34 9.72
N ASN A 575 -15.27 -23.09 9.28
CA ASN A 575 -16.49 -22.46 8.77
C ASN A 575 -16.98 -23.15 7.51
N ASN A 576 -16.07 -23.43 6.60
CA ASN A 576 -16.38 -24.15 5.37
C ASN A 576 -15.11 -24.64 4.70
N ILE A 577 -15.27 -25.39 3.62
CA ILE A 577 -14.13 -25.88 2.85
C ILE A 577 -14.45 -25.85 1.37
N LEU A 578 -13.41 -25.80 0.55
CA LEU A 578 -13.57 -25.97 -0.88
C LEU A 578 -14.14 -27.35 -1.14
N LEU A 579 -15.08 -27.45 -2.08
CA LEU A 579 -15.60 -28.75 -2.50
C LEU A 579 -14.42 -29.63 -2.88
N PRO A 580 -14.15 -30.69 -2.09
CA PRO A 580 -12.93 -31.49 -2.26
C PRO A 580 -12.66 -31.93 -3.70
N GLN A 581 -13.66 -32.50 -4.37
CA GLN A 581 -13.45 -33.02 -5.72
C GLN A 581 -13.28 -31.92 -6.76
N GLY A 582 -13.54 -30.68 -6.36
CA GLY A 582 -13.44 -29.55 -7.27
C GLY A 582 -12.09 -28.85 -7.25
N ARG A 583 -11.20 -29.29 -6.37
CA ARG A 583 -9.87 -28.69 -6.24
C ARG A 583 -8.93 -29.10 -7.37
N PRO A 584 -7.89 -28.29 -7.63
CA PRO A 584 -6.90 -28.68 -8.63
C PRO A 584 -6.06 -29.88 -8.20
N PRO A 585 -5.38 -30.54 -9.15
CA PRO A 585 -4.64 -31.78 -8.90
C PRO A 585 -3.60 -31.68 -7.79
N VAL A 586 -3.13 -30.48 -7.51
CA VAL A 586 -2.05 -30.28 -6.54
C VAL A 586 -2.40 -30.90 -5.18
N PHE A 587 -3.70 -30.98 -4.88
CA PHE A 587 -4.16 -31.51 -3.60
C PHE A 587 -4.13 -33.04 -3.52
N GLN A 588 -3.56 -33.70 -4.52
CA GLN A 588 -3.47 -35.15 -4.48
C GLN A 588 -2.33 -35.58 -3.58
N GLN A 589 -1.37 -34.69 -3.38
CA GLN A 589 -0.25 -34.92 -2.48
C GLN A 589 -0.23 -33.86 -1.38
N PRO A 590 0.40 -34.18 -0.24
CA PRO A 590 0.48 -33.18 0.84
C PRO A 590 1.13 -31.89 0.39
N VAL A 591 0.45 -30.79 0.63
CA VAL A 591 0.90 -29.47 0.26
C VAL A 591 0.65 -28.46 1.37
N ILE A 592 1.55 -27.54 1.58
CA ILE A 592 1.36 -26.45 2.50
C ILE A 592 1.31 -25.10 1.82
N PHE A 593 0.42 -24.25 2.26
CA PHE A 593 0.25 -22.94 1.65
C PHE A 593 0.71 -21.85 2.56
N LEU A 594 1.62 -21.05 2.09
CA LEU A 594 2.27 -20.07 2.93
C LEU A 594 1.96 -18.69 2.46
N GLY A 595 1.62 -17.83 3.40
CA GLY A 595 1.43 -16.43 3.17
C GLY A 595 2.41 -15.58 3.93
N ALA A 596 3.02 -14.63 3.26
CA ALA A 596 3.98 -13.76 3.87
C ALA A 596 3.79 -12.29 3.54
N ASP A 597 4.02 -11.43 4.51
CA ASP A 597 3.97 -10.00 4.33
C ASP A 597 4.85 -9.23 5.28
N VAL A 598 5.32 -8.07 4.86
CA VAL A 598 5.97 -7.11 5.72
C VAL A 598 5.21 -5.83 5.71
N THR A 599 4.96 -5.29 6.87
CA THR A 599 4.28 -4.00 7.01
C THR A 599 5.25 -2.99 7.59
N HIS A 600 5.40 -1.88 6.90
CA HIS A 600 6.37 -0.86 7.29
C HIS A 600 5.72 0.29 8.06
N PRO A 601 6.51 1.05 8.82
CA PRO A 601 5.96 2.20 9.57
C PRO A 601 5.41 3.28 8.65
N PRO A 602 4.57 4.18 9.19
CA PRO A 602 3.99 5.26 8.39
C PRO A 602 5.04 6.19 7.80
N ALA A 603 4.61 7.08 6.89
CA ALA A 603 5.52 8.08 6.33
C ALA A 603 6.01 9.01 7.42
N GLY A 604 7.30 9.39 7.32
CA GLY A 604 7.89 10.35 8.22
C GLY A 604 8.48 9.73 9.47
N ASP A 605 8.04 8.52 9.78
CA ASP A 605 8.59 7.80 10.92
C ASP A 605 10.04 7.43 10.63
N GLY A 606 10.84 7.27 11.69
CA GLY A 606 12.27 7.07 11.55
C GLY A 606 12.86 5.89 12.31
N LYS A 607 12.14 5.37 13.29
CA LYS A 607 12.71 4.37 14.21
C LYS A 607 11.83 3.15 14.45
N LYS A 608 10.54 3.24 14.14
CA LYS A 608 9.66 2.09 14.33
C LYS A 608 10.13 0.90 13.50
N PRO A 609 9.97 -0.32 14.02
CA PRO A 609 10.42 -1.49 13.28
C PRO A 609 9.46 -1.86 12.16
N SER A 610 9.94 -2.65 11.20
CA SER A 610 9.06 -3.29 10.24
C SER A 610 8.62 -4.61 10.84
N ILE A 611 7.44 -5.08 10.43
CA ILE A 611 6.87 -6.30 10.99
C ILE A 611 6.66 -7.33 9.89
N ALA A 612 7.33 -8.48 10.03
CA ALA A 612 7.21 -9.58 9.10
C ALA A 612 6.29 -10.66 9.66
N ALA A 613 5.33 -11.11 8.85
CA ALA A 613 4.38 -12.13 9.26
C ALA A 613 4.31 -13.24 8.23
N VAL A 614 4.31 -14.48 8.70
CA VAL A 614 4.18 -15.64 7.81
C VAL A 614 3.16 -16.60 8.39
N VAL A 615 2.23 -17.06 7.55
CA VAL A 615 1.22 -18.01 7.98
C VAL A 615 1.28 -19.25 7.10
N GLY A 616 0.89 -20.38 7.67
CA GLY A 616 0.88 -21.64 6.95
C GLY A 616 -0.36 -22.45 7.22
N SER A 617 -0.93 -23.04 6.16
CA SER A 617 -2.09 -23.91 6.29
C SER A 617 -1.76 -25.15 7.11
N MET A 618 -2.76 -25.68 7.83
CA MET A 618 -2.55 -26.79 8.74
C MET A 618 -3.48 -27.97 8.49
N ASP A 619 -4.17 -27.95 7.35
CA ASP A 619 -4.98 -29.09 6.94
C ASP A 619 -5.03 -29.16 5.43
N ALA A 620 -5.72 -30.17 4.92
CA ALA A 620 -5.74 -30.47 3.48
C ALA A 620 -6.93 -29.84 2.76
N HIS A 621 -7.64 -28.94 3.43
CA HIS A 621 -8.88 -28.39 2.88
C HIS A 621 -8.66 -27.38 1.75
N PRO A 622 -7.84 -26.33 1.98
CA PRO A 622 -7.16 -25.88 3.19
C PRO A 622 -7.94 -24.79 3.90
N ASN A 623 -8.01 -24.84 5.23
CA ASN A 623 -8.79 -23.87 5.99
C ASN A 623 -8.07 -23.30 7.20
N ARG A 624 -7.57 -24.18 8.06
CA ARG A 624 -6.90 -23.77 9.29
C ARG A 624 -5.48 -23.28 9.03
N TYR A 625 -5.13 -22.16 9.65
CA TYR A 625 -3.80 -21.57 9.51
C TYR A 625 -3.18 -21.26 10.88
N CYS A 626 -1.85 -21.40 10.95
CA CYS A 626 -1.07 -20.95 12.10
C CYS A 626 -0.14 -19.84 11.65
N ALA A 627 0.30 -19.02 12.60
CA ALA A 627 1.02 -17.79 12.25
C ALA A 627 2.32 -17.63 13.02
N THR A 628 3.29 -17.02 12.36
CA THR A 628 4.54 -16.61 12.99
C THR A 628 4.72 -15.13 12.68
N VAL A 629 5.37 -14.41 13.57
CA VAL A 629 5.58 -12.98 13.37
C VAL A 629 6.90 -12.55 14.01
N ARG A 630 7.54 -11.55 13.40
CA ARG A 630 8.79 -11.02 13.90
C ARG A 630 8.84 -9.51 13.73
N VAL A 631 9.62 -8.84 14.58
CA VAL A 631 10.00 -7.47 14.33
C VAL A 631 11.35 -7.50 13.62
N GLN A 632 11.57 -6.56 12.70
CA GLN A 632 12.84 -6.50 12.00
C GLN A 632 13.20 -5.06 11.65
N GLN A 633 14.35 -4.90 11.00
CA GLN A 633 14.92 -3.60 10.71
C GLN A 633 13.95 -2.63 10.04
N HIS A 634 14.05 -1.38 10.44
CA HIS A 634 13.25 -0.28 9.89
C HIS A 634 13.21 -0.28 8.36
N ARG A 635 12.01 -0.50 7.80
CA ARG A 635 11.79 -0.41 6.36
C ARG A 635 12.60 -1.40 5.55
N GLN A 636 12.89 -2.57 6.13
CA GLN A 636 13.47 -3.67 5.37
C GLN A 636 12.36 -4.58 4.88
N GLU A 637 12.33 -4.82 3.57
CA GLU A 637 11.29 -5.66 2.97
C GLU A 637 11.63 -7.13 3.07
N ILE A 638 12.92 -7.47 2.95
CA ILE A 638 13.36 -8.85 3.09
C ILE A 638 13.02 -9.40 4.46
N ILE A 639 12.26 -10.51 4.50
CA ILE A 639 11.94 -11.16 5.77
C ILE A 639 13.21 -11.79 6.31
N GLN A 640 13.73 -11.21 7.39
CA GLN A 640 15.06 -11.56 7.88
C GLN A 640 15.13 -12.97 8.44
N ASP A 641 14.15 -13.33 9.25
CA ASP A 641 14.20 -14.58 10.02
C ASP A 641 13.31 -15.66 9.39
N LEU A 642 13.12 -15.58 8.07
CA LEU A 642 12.13 -16.45 7.40
C LEU A 642 12.38 -17.94 7.64
N ALA A 643 13.64 -18.36 7.60
CA ALA A 643 13.97 -19.78 7.76
C ALA A 643 13.43 -20.35 9.06
N ALA A 644 13.65 -19.62 10.15
CA ALA A 644 13.11 -20.01 11.45
C ALA A 644 11.59 -20.08 11.42
N MET A 645 10.98 -19.09 10.77
CA MET A 645 9.52 -19.00 10.73
C MET A 645 8.90 -20.17 9.96
N VAL A 646 9.52 -20.55 8.85
CA VAL A 646 9.04 -21.66 8.03
C VAL A 646 9.22 -23.01 8.74
N ARG A 647 10.34 -23.16 9.44
CA ARG A 647 10.61 -24.38 10.21
C ARG A 647 9.49 -24.63 11.21
N GLU A 648 9.12 -23.58 11.96
CA GLU A 648 8.03 -23.67 12.93
C GLU A 648 6.75 -24.17 12.25
N LEU A 649 6.45 -23.60 11.10
CA LEU A 649 5.21 -23.91 10.41
C LEU A 649 5.22 -25.33 9.87
N LEU A 650 6.35 -25.75 9.30
CA LEU A 650 6.47 -27.12 8.79
C LEU A 650 6.27 -28.15 9.90
N ILE A 651 6.87 -27.88 11.06
CA ILE A 651 6.74 -28.76 12.20
C ILE A 651 5.29 -28.85 12.65
N GLN A 652 4.62 -27.70 12.74
CA GLN A 652 3.24 -27.67 13.19
C GLN A 652 2.32 -28.34 12.16
N PHE A 653 2.69 -28.26 10.89
CA PHE A 653 1.93 -28.90 9.82
C PHE A 653 1.95 -30.42 10.00
N TYR A 654 3.13 -30.96 10.29
CA TYR A 654 3.29 -32.39 10.52
C TYR A 654 2.54 -32.85 11.76
N LYS A 655 2.56 -32.01 12.80
CA LYS A 655 1.85 -32.31 14.03
C LYS A 655 0.34 -32.34 13.80
N SER A 656 -0.12 -31.51 12.87
CA SER A 656 -1.56 -31.39 12.60
C SER A 656 -2.06 -32.45 11.62
N THR A 657 -1.27 -32.74 10.58
CA THR A 657 -1.71 -33.59 9.48
C THR A 657 -1.04 -34.95 9.47
N ARG A 658 0.09 -35.05 10.15
CA ARG A 658 0.95 -36.24 10.11
C ARG A 658 1.44 -36.54 8.69
N PHE A 659 1.49 -35.50 7.86
CA PHE A 659 2.13 -35.56 6.55
C PHE A 659 3.31 -34.59 6.54
N LYS A 660 4.24 -34.83 5.63
CA LYS A 660 5.28 -33.86 5.31
C LYS A 660 4.96 -33.30 3.93
N PRO A 661 4.87 -31.97 3.80
CA PRO A 661 4.50 -31.45 2.48
C PRO A 661 5.49 -31.86 1.39
N THR A 662 4.96 -32.36 0.27
CA THR A 662 5.78 -32.66 -0.90
C THR A 662 5.98 -31.39 -1.73
N ARG A 663 5.13 -30.40 -1.47
CA ARG A 663 5.20 -29.11 -2.15
C ARG A 663 4.94 -27.95 -1.19
N ILE A 664 5.59 -26.82 -1.44
CA ILE A 664 5.36 -25.59 -0.68
C ILE A 664 4.96 -24.46 -1.63
N ILE A 665 3.79 -23.89 -1.44
CA ILE A 665 3.33 -22.77 -2.22
C ILE A 665 3.36 -21.54 -1.35
N PHE A 666 4.17 -20.60 -1.75
CA PHE A 666 4.46 -19.43 -0.97
C PHE A 666 3.94 -18.20 -1.72
N TYR A 667 3.00 -17.52 -1.14
CA TYR A 667 2.47 -16.30 -1.72
C TYR A 667 3.03 -15.13 -0.98
N ARG A 668 3.82 -14.33 -1.65
CA ARG A 668 4.50 -13.23 -1.00
C ARG A 668 3.91 -11.89 -1.40
N ASP A 669 3.31 -11.21 -0.45
CA ASP A 669 2.70 -9.92 -0.70
C ASP A 669 3.66 -8.78 -0.73
N GLY A 670 3.49 -7.93 -1.71
CA GLY A 670 3.98 -6.56 -1.64
C GLY A 670 5.39 -6.25 -2.09
N VAL A 671 5.99 -7.12 -2.87
CA VAL A 671 7.33 -6.87 -3.40
C VAL A 671 7.22 -6.29 -4.80
N SER A 672 7.84 -5.14 -5.01
CA SER A 672 7.85 -4.51 -6.32
C SER A 672 8.92 -5.13 -7.22
N GLU A 673 8.72 -5.00 -8.54
CA GLU A 673 9.61 -5.58 -9.53
C GLU A 673 11.08 -5.31 -9.26
N GLY A 674 11.38 -4.11 -8.79
CA GLY A 674 12.75 -3.71 -8.54
C GLY A 674 13.37 -4.39 -7.33
N GLN A 675 12.60 -5.26 -6.68
CA GLN A 675 13.08 -5.96 -5.50
C GLN A 675 12.98 -7.48 -5.68
N PHE A 676 12.53 -7.93 -6.84
CA PHE A 676 12.31 -9.34 -7.08
C PHE A 676 13.56 -10.19 -6.83
N GLN A 677 14.67 -9.83 -7.47
CA GLN A 677 15.87 -10.65 -7.36
C GLN A 677 16.41 -10.68 -5.94
N GLN A 678 16.42 -9.54 -5.27
CA GLN A 678 16.92 -9.43 -3.91
C GLN A 678 16.10 -10.31 -2.95
N VAL A 679 14.78 -10.15 -3.01
CA VAL A 679 13.88 -10.87 -2.12
C VAL A 679 13.92 -12.36 -2.41
N LEU A 680 13.85 -12.72 -3.69
CA LEU A 680 13.85 -14.13 -4.08
C LEU A 680 15.12 -14.83 -3.61
N HIS A 681 16.25 -14.16 -3.75
CA HIS A 681 17.53 -14.75 -3.37
C HIS A 681 17.56 -15.14 -1.89
N HIS A 682 17.17 -14.22 -1.03
CA HIS A 682 17.22 -14.47 0.41
C HIS A 682 16.11 -15.42 0.85
N GLU A 683 14.88 -15.17 0.41
CA GLU A 683 13.72 -15.86 0.96
C GLU A 683 13.54 -17.28 0.38
N LEU A 684 13.84 -17.47 -0.90
CA LEU A 684 13.81 -18.82 -1.47
C LEU A 684 14.82 -19.73 -0.78
N LEU A 685 16.04 -19.23 -0.59
CA LEU A 685 17.08 -19.98 0.09
C LEU A 685 16.75 -20.20 1.57
N ALA A 686 15.98 -19.29 2.14
CA ALA A 686 15.56 -19.44 3.53
C ALA A 686 14.57 -20.61 3.65
N ILE A 687 13.68 -20.74 2.67
CA ILE A 687 12.73 -21.84 2.68
C ILE A 687 13.46 -23.17 2.56
N ARG A 688 14.42 -23.23 1.64
CA ARG A 688 15.24 -24.44 1.48
C ARG A 688 15.97 -24.77 2.77
N GLU A 689 16.60 -23.76 3.37
CA GLU A 689 17.34 -23.94 4.61
C GLU A 689 16.47 -24.58 5.67
N ALA A 690 15.24 -24.09 5.80
CA ALA A 690 14.30 -24.62 6.76
C ALA A 690 14.08 -26.12 6.53
N CYS A 691 13.89 -26.50 5.27
CA CYS A 691 13.69 -27.90 4.90
C CYS A 691 14.92 -28.76 5.18
N ILE A 692 16.07 -28.27 4.76
CA ILE A 692 17.32 -28.99 4.90
C ILE A 692 17.68 -29.25 6.35
N LYS A 693 17.48 -28.27 7.18
CA LYS A 693 17.68 -28.43 8.59
C LYS A 693 16.69 -29.32 9.28
N LEU A 694 15.49 -29.43 8.76
CA LEU A 694 14.54 -30.35 9.32
C LEU A 694 14.89 -31.81 9.14
N GLU A 695 15.29 -32.16 7.94
CA GLU A 695 15.68 -33.51 7.65
C GLU A 695 16.33 -33.67 6.31
N LYS A 696 17.11 -34.72 6.15
CA LYS A 696 17.56 -35.25 4.87
C LYS A 696 18.24 -34.18 4.00
N ASP A 697 17.97 -34.00 2.71
CA ASP A 697 17.14 -34.76 1.79
C ASP A 697 15.61 -34.64 1.90
N TYR A 698 15.12 -33.64 2.60
CA TYR A 698 13.74 -33.27 2.46
C TYR A 698 13.79 -32.09 1.56
N GLN A 699 13.31 -32.28 0.35
CA GLN A 699 13.33 -31.24 -0.69
C GLN A 699 12.03 -31.16 -1.44
N PRO A 700 11.04 -30.56 -0.83
CA PRO A 700 9.75 -30.36 -1.47
C PRO A 700 9.83 -29.28 -2.54
N GLY A 701 9.04 -29.38 -3.59
CA GLY A 701 9.02 -28.36 -4.62
C GLY A 701 8.48 -27.05 -4.09
N ILE A 702 9.19 -25.97 -4.37
CA ILE A 702 8.77 -24.64 -3.95
C ILE A 702 8.22 -23.84 -5.13
N THR A 703 7.02 -23.30 -4.96
CA THR A 703 6.47 -22.31 -5.89
C THR A 703 6.42 -20.96 -5.18
N PHE A 704 7.19 -20.00 -5.69
CA PHE A 704 7.31 -18.69 -5.09
C PHE A 704 6.54 -17.66 -5.92
N ILE A 705 5.52 -17.08 -5.32
CA ILE A 705 4.63 -16.17 -6.02
C ILE A 705 4.55 -14.82 -5.33
N VAL A 706 4.79 -13.75 -6.08
CA VAL A 706 4.67 -12.39 -5.54
C VAL A 706 3.29 -11.85 -5.87
N VAL A 707 2.60 -11.37 -4.84
CA VAL A 707 1.28 -10.75 -4.98
C VAL A 707 1.38 -9.24 -4.83
N GLN A 708 0.91 -8.51 -5.84
CA GLN A 708 0.89 -7.04 -5.82
C GLN A 708 -0.52 -6.53 -6.03
N LYS A 709 -1.08 -5.93 -4.98
CA LYS A 709 -2.41 -5.35 -5.04
C LYS A 709 -2.33 -3.87 -5.40
N ARG A 710 -1.21 -3.25 -5.04
CA ARG A 710 -1.03 -1.82 -5.27
C ARG A 710 -0.06 -1.56 -6.41
N HIS A 711 -0.61 -1.50 -7.61
CA HIS A 711 0.10 -1.12 -8.82
C HIS A 711 -0.79 -0.11 -9.54
N HIS A 712 -0.52 0.15 -10.81
CA HIS A 712 -1.29 1.16 -11.56
C HIS A 712 -1.97 0.60 -12.81
N THR A 713 -2.11 -0.72 -12.87
CA THR A 713 -2.89 -1.35 -13.91
C THR A 713 -4.36 -1.38 -13.51
N ARG A 714 -5.21 -0.87 -14.40
CA ARG A 714 -6.66 -0.90 -14.21
C ARG A 714 -7.34 -1.53 -15.43
N LEU A 715 -8.35 -2.36 -15.19
CA LEU A 715 -9.07 -3.05 -16.26
C LEU A 715 -10.54 -2.62 -16.30
N PHE A 716 -11.05 -2.37 -17.49
CA PHE A 716 -12.42 -1.88 -17.67
C PHE A 716 -13.16 -2.76 -18.66
N CYS A 717 -14.47 -2.89 -18.44
CA CYS A 717 -15.32 -3.60 -19.39
C CYS A 717 -15.45 -2.79 -20.67
N THR A 718 -15.20 -3.44 -21.80
CA THR A 718 -15.40 -2.83 -23.10
C THR A 718 -16.89 -2.68 -23.35
N ASP A 719 -17.63 -3.77 -23.17
CA ASP A 719 -19.07 -3.77 -23.34
C ASP A 719 -19.77 -3.25 -22.09
N LYS A 720 -20.68 -2.32 -22.28
CA LYS A 720 -21.40 -1.70 -21.16
C LYS A 720 -22.18 -2.71 -20.34
N ASN A 721 -22.71 -3.74 -21.00
CA ASN A 721 -23.56 -4.71 -20.31
C ASN A 721 -22.76 -5.81 -19.61
N GLU A 722 -21.45 -5.63 -19.54
CA GLU A 722 -20.57 -6.53 -18.78
C GLU A 722 -20.29 -5.97 -17.39
N ARG A 723 -20.37 -4.65 -17.27
CA ARG A 723 -20.13 -3.95 -16.02
C ARG A 723 -21.04 -4.47 -14.91
N VAL A 724 -20.49 -4.58 -13.70
CA VAL A 724 -21.23 -5.17 -12.59
C VAL A 724 -21.49 -4.14 -11.50
N GLY A 725 -22.77 -4.04 -11.10
CA GLY A 725 -23.15 -3.20 -9.98
C GLY A 725 -23.06 -1.72 -10.26
N LYS A 726 -23.23 -0.93 -9.20
CA LYS A 726 -23.21 0.52 -9.26
C LYS A 726 -21.85 1.06 -9.66
N SER A 727 -20.79 0.39 -9.21
CA SER A 727 -19.43 0.83 -9.48
C SER A 727 -19.02 0.52 -10.93
N GLY A 728 -19.75 -0.40 -11.55
CA GLY A 728 -19.54 -0.72 -12.96
C GLY A 728 -18.21 -1.40 -13.23
N ASN A 729 -17.79 -2.29 -12.34
CA ASN A 729 -16.51 -2.98 -12.46
C ASN A 729 -16.59 -4.30 -13.21
N ILE A 730 -15.41 -4.78 -13.64
CA ILE A 730 -15.27 -6.11 -14.19
C ILE A 730 -15.72 -7.16 -13.17
N PRO A 731 -16.20 -8.32 -13.65
CA PRO A 731 -16.72 -9.33 -12.73
C PRO A 731 -15.63 -10.06 -11.96
N ALA A 732 -15.98 -10.59 -10.79
CA ALA A 732 -15.07 -11.42 -10.01
C ALA A 732 -14.66 -12.65 -10.82
N GLY A 733 -13.37 -12.94 -10.81
CA GLY A 733 -12.83 -14.07 -11.53
C GLY A 733 -12.11 -13.70 -12.82
N THR A 734 -12.26 -12.44 -13.25
CA THR A 734 -11.63 -11.97 -14.46
C THR A 734 -10.11 -12.17 -14.42
N THR A 735 -9.58 -12.80 -15.46
CA THR A 735 -8.17 -13.16 -15.55
C THR A 735 -7.55 -12.65 -16.85
N VAL A 736 -6.39 -12.02 -16.73
CA VAL A 736 -5.63 -11.54 -17.88
C VAL A 736 -4.19 -12.02 -17.81
N ASP A 737 -3.85 -12.97 -18.64
CA ASP A 737 -2.50 -13.45 -18.78
C ASP A 737 -1.87 -13.20 -20.17
N THR A 738 -2.44 -12.30 -20.94
CA THR A 738 -1.99 -12.06 -22.28
C THR A 738 -1.85 -10.58 -22.59
N LYS A 739 -1.05 -10.27 -23.58
CA LYS A 739 -0.99 -8.93 -24.13
C LYS A 739 -0.34 -7.85 -23.27
N ILE A 740 -0.85 -7.63 -22.08
CA ILE A 740 -0.29 -6.62 -21.21
C ILE A 740 0.68 -7.18 -20.20
N THR A 741 0.84 -8.48 -20.18
CA THR A 741 1.65 -9.16 -19.21
C THR A 741 3.08 -9.19 -19.64
N HIS A 742 3.91 -9.88 -18.89
CA HIS A 742 5.35 -9.90 -19.15
C HIS A 742 5.69 -10.70 -20.41
N PRO A 743 6.68 -10.23 -21.21
CA PRO A 743 6.98 -10.88 -22.49
C PRO A 743 7.55 -12.30 -22.40
N THR A 744 8.24 -12.64 -21.32
CA THR A 744 8.90 -13.94 -21.21
C THR A 744 8.54 -14.70 -19.94
N GLU A 745 8.13 -13.98 -18.90
CA GLU A 745 7.99 -14.57 -17.58
C GLU A 745 6.55 -14.95 -17.24
N PHE A 746 6.39 -15.61 -16.11
CA PHE A 746 5.12 -16.22 -15.71
C PHE A 746 4.34 -15.32 -14.74
N ASP A 747 3.49 -14.46 -15.31
CA ASP A 747 2.70 -13.54 -14.51
C ASP A 747 1.27 -13.39 -15.06
N PHE A 748 0.36 -12.99 -14.19
CA PHE A 748 -1.02 -12.72 -14.60
C PHE A 748 -1.74 -11.79 -13.64
N TYR A 749 -2.74 -11.09 -14.17
CA TYR A 749 -3.68 -10.35 -13.35
C TYR A 749 -4.89 -11.24 -13.05
N LEU A 750 -5.33 -11.24 -11.80
CA LEU A 750 -6.58 -11.88 -11.42
C LEU A 750 -7.36 -10.96 -10.48
N CYS A 751 -8.51 -10.51 -10.93
CA CYS A 751 -9.42 -9.73 -10.10
C CYS A 751 -10.44 -10.66 -9.49
N SER A 752 -10.18 -11.06 -8.24
CA SER A 752 -10.88 -12.18 -7.63
C SER A 752 -12.10 -11.76 -6.84
N HIS A 753 -12.27 -10.45 -6.65
CA HIS A 753 -13.32 -9.94 -5.78
C HIS A 753 -14.39 -9.17 -6.54
N ALA A 754 -15.54 -9.00 -5.90
CA ALA A 754 -16.57 -8.11 -6.40
C ALA A 754 -16.20 -6.66 -6.10
N GLY A 755 -16.24 -5.81 -7.11
CA GLY A 755 -15.97 -4.39 -6.93
C GLY A 755 -17.20 -3.65 -6.42
N ILE A 756 -17.18 -3.32 -5.14
CA ILE A 756 -18.30 -2.61 -4.52
C ILE A 756 -18.33 -1.14 -4.91
N GLN A 757 -17.20 -0.47 -4.75
CA GLN A 757 -17.13 0.97 -4.99
C GLN A 757 -15.81 1.31 -5.68
N GLY A 758 -15.79 2.45 -6.36
CA GLY A 758 -14.60 2.90 -7.04
C GLY A 758 -14.22 2.00 -8.19
N THR A 759 -12.92 1.93 -8.46
CA THR A 759 -12.38 1.04 -9.49
C THR A 759 -11.59 -0.09 -8.85
N SER A 760 -11.97 -1.33 -9.16
CA SER A 760 -11.30 -2.49 -8.59
C SER A 760 -9.82 -2.51 -8.92
N ARG A 761 -9.02 -2.94 -7.95
CA ARG A 761 -7.61 -3.19 -8.17
C ARG A 761 -7.40 -4.65 -8.51
N PRO A 762 -7.08 -4.95 -9.78
CA PRO A 762 -6.83 -6.36 -10.09
C PRO A 762 -5.49 -6.81 -9.53
N SER A 763 -5.48 -7.81 -8.66
CA SER A 763 -4.24 -8.27 -8.07
C SER A 763 -3.34 -8.86 -9.15
N HIS A 764 -2.05 -8.53 -9.08
CA HIS A 764 -1.07 -9.07 -10.00
C HIS A 764 -0.27 -10.16 -9.33
N TYR A 765 -0.09 -11.29 -10.03
CA TYR A 765 0.68 -12.41 -9.53
C TYR A 765 1.87 -12.68 -10.43
N HIS A 766 3.03 -12.87 -9.81
CA HIS A 766 4.28 -13.10 -10.54
C HIS A 766 5.03 -14.29 -9.94
N VAL A 767 5.24 -15.31 -10.76
CA VAL A 767 5.92 -16.52 -10.32
C VAL A 767 7.44 -16.37 -10.45
N LEU A 768 8.11 -16.22 -9.33
CA LEU A 768 9.54 -16.10 -9.31
C LEU A 768 10.28 -17.43 -9.26
N TRP A 769 9.61 -18.49 -8.84
CA TRP A 769 10.18 -19.79 -8.82
C TRP A 769 9.15 -20.83 -8.83
N ASP A 770 9.37 -21.89 -9.57
CA ASP A 770 8.42 -23.00 -9.58
C ASP A 770 9.00 -24.39 -9.82
N ASP A 771 9.31 -25.10 -8.76
CA ASP A 771 9.77 -26.47 -8.81
C ASP A 771 8.70 -27.42 -9.28
N ASN A 772 7.47 -27.05 -9.05
CA ASN A 772 6.33 -27.89 -9.30
C ASN A 772 5.75 -27.84 -10.68
N ARG A 773 6.29 -26.99 -11.51
CA ARG A 773 5.93 -26.94 -12.90
C ARG A 773 4.46 -26.83 -13.19
N PHE A 774 3.81 -25.89 -12.54
CA PHE A 774 2.44 -25.57 -12.76
C PHE A 774 2.18 -25.07 -14.14
N SER A 775 1.05 -25.46 -14.67
CA SER A 775 0.49 -24.83 -15.83
C SER A 775 -0.20 -23.52 -15.42
N SER A 776 -0.43 -22.67 -16.38
CA SER A 776 -1.10 -21.44 -16.15
C SER A 776 -2.48 -21.66 -15.61
N ASP A 777 -3.17 -22.63 -16.17
CA ASP A 777 -4.50 -22.93 -15.72
C ASP A 777 -4.59 -23.37 -14.31
N GLU A 778 -3.71 -24.27 -13.90
CA GLU A 778 -3.77 -24.77 -12.58
C GLU A 778 -3.45 -23.71 -11.55
N LEU A 779 -2.45 -22.92 -11.83
CA LEU A 779 -2.04 -21.89 -10.94
C LEU A 779 -3.05 -20.80 -10.79
N GLN A 780 -3.65 -20.41 -11.88
CA GLN A 780 -4.67 -19.41 -11.88
C GLN A 780 -5.89 -19.83 -11.13
N ILE A 781 -6.29 -21.07 -11.29
CA ILE A 781 -7.47 -21.62 -10.62
C ILE A 781 -7.19 -21.83 -9.13
N LEU A 782 -5.99 -22.30 -8.82
CA LEU A 782 -5.57 -22.49 -7.44
C LEU A 782 -5.66 -21.17 -6.67
N THR A 783 -5.02 -20.15 -7.23
CA THR A 783 -5.02 -18.82 -6.63
C THR A 783 -6.44 -18.31 -6.44
N TYR A 784 -7.29 -18.52 -7.44
CA TYR A 784 -8.66 -18.05 -7.38
C TYR A 784 -9.44 -18.75 -6.28
N GLN A 785 -9.20 -20.06 -6.15
CA GLN A 785 -9.92 -20.84 -5.15
C GLN A 785 -9.49 -20.46 -3.74
N LEU A 786 -8.20 -20.13 -3.57
CA LEU A 786 -7.69 -19.74 -2.26
C LEU A 786 -8.28 -18.41 -1.81
N CYS A 787 -8.78 -17.62 -2.76
CA CYS A 787 -9.45 -16.36 -2.45
C CYS A 787 -10.85 -16.60 -1.89
N HIS A 788 -11.29 -17.86 -1.91
CA HIS A 788 -12.62 -18.23 -1.41
C HIS A 788 -12.54 -18.92 -0.05
N THR A 789 -11.33 -19.17 0.44
CA THR A 789 -11.14 -19.87 1.71
C THR A 789 -10.92 -18.93 2.89
N TYR A 790 -11.26 -17.66 2.69
CA TYR A 790 -11.06 -16.64 3.72
C TYR A 790 -12.23 -16.66 4.69
N VAL A 791 -11.94 -16.92 5.97
CA VAL A 791 -12.98 -17.28 6.93
C VAL A 791 -13.81 -16.13 7.50
N ARG A 792 -13.38 -14.89 7.30
CA ARG A 792 -14.05 -13.76 7.96
C ARG A 792 -15.27 -13.24 7.19
N CYS A 793 -15.54 -13.83 6.03
CA CYS A 793 -16.70 -13.42 5.24
C CYS A 793 -17.02 -14.42 4.14
N THR A 794 -18.28 -14.42 3.72
CA THR A 794 -18.74 -15.28 2.64
C THR A 794 -18.60 -14.52 1.31
N ARG A 795 -17.38 -14.09 1.02
CA ARG A 795 -17.05 -13.43 -0.23
C ARG A 795 -15.70 -13.87 -0.72
N SER A 796 -15.50 -13.82 -2.03
CA SER A 796 -14.18 -13.95 -2.59
C SER A 796 -13.44 -12.64 -2.34
N VAL A 797 -12.28 -12.72 -1.68
CA VAL A 797 -11.52 -11.51 -1.35
C VAL A 797 -10.44 -11.25 -2.40
N SER A 798 -9.81 -10.09 -2.30
CA SER A 798 -8.95 -9.57 -3.38
C SER A 798 -7.59 -10.26 -3.49
N ILE A 799 -7.20 -11.03 -2.48
CA ILE A 799 -5.95 -11.78 -2.50
C ILE A 799 -6.15 -13.11 -1.78
N PRO A 800 -5.27 -14.10 -2.03
CA PRO A 800 -5.45 -15.41 -1.39
C PRO A 800 -5.47 -15.31 0.14
N ALA A 801 -6.32 -16.12 0.76
CA ALA A 801 -6.48 -16.14 2.21
C ALA A 801 -5.13 -16.12 2.95
N PRO A 802 -4.20 -17.03 2.59
CA PRO A 802 -2.91 -17.02 3.28
C PRO A 802 -2.22 -15.65 3.31
N ALA A 803 -2.24 -14.94 2.18
CA ALA A 803 -1.64 -13.61 2.10
C ALA A 803 -2.46 -12.60 2.90
N TYR A 804 -3.77 -12.76 2.88
CA TYR A 804 -4.65 -11.90 3.64
C TYR A 804 -4.39 -12.07 5.14
N TYR A 805 -4.22 -13.32 5.58
CA TYR A 805 -3.99 -13.60 6.99
C TYR A 805 -2.67 -13.00 7.45
N ALA A 806 -1.66 -13.05 6.60
CA ALA A 806 -0.36 -12.49 6.93
C ALA A 806 -0.49 -11.01 7.28
N HIS A 807 -1.38 -10.31 6.57
CA HIS A 807 -1.64 -8.92 6.86
C HIS A 807 -2.27 -8.76 8.24
N LEU A 808 -3.27 -9.58 8.53
CA LEU A 808 -3.96 -9.50 9.82
C LEU A 808 -2.99 -9.78 10.97
N VAL A 809 -2.05 -10.68 10.74
CA VAL A 809 -1.05 -11.04 11.75
C VAL A 809 -0.10 -9.88 12.01
N ALA A 810 0.36 -9.24 10.94
CA ALA A 810 1.25 -8.09 11.05
C ALA A 810 0.56 -6.94 11.76
N PHE A 811 -0.70 -6.71 11.43
CA PHE A 811 -1.46 -5.60 12.01
C PHE A 811 -1.74 -5.83 13.50
N ARG A 812 -1.90 -7.09 13.88
CA ARG A 812 -2.12 -7.43 15.28
C ARG A 812 -0.84 -7.17 16.08
N ALA A 813 0.29 -7.58 15.52
CA ALA A 813 1.59 -7.31 16.14
C ALA A 813 1.77 -5.81 16.34
N ARG A 814 1.35 -5.04 15.35
CA ARG A 814 1.46 -3.58 15.42
C ARG A 814 0.61 -3.05 16.59
N TYR A 815 -0.50 -3.72 16.88
CA TYR A 815 -1.33 -3.34 18.02
C TYR A 815 -0.65 -3.73 19.34
N HIS A 816 0.05 -4.86 19.35
CA HIS A 816 0.81 -5.30 20.52
C HIS A 816 1.95 -4.33 20.83
N LEU A 817 2.36 -3.56 19.83
CA LEU A 817 3.50 -2.66 19.94
C LEU A 817 3.13 -1.19 20.12
N VAL A 818 1.83 -0.90 20.22
CA VAL A 818 1.38 0.50 20.36
C VAL A 818 2.07 1.18 21.54
N ASP A 819 2.72 2.30 21.24
CA ASP A 819 3.40 3.14 22.21
C ASP A 819 4.64 2.48 22.84
N LYS A 820 5.04 1.33 22.30
CA LYS A 820 6.26 0.65 22.76
C LYS A 820 7.40 0.78 21.75
N GLU A 821 7.09 1.32 20.58
CA GLU A 821 8.05 1.43 19.48
C GLU A 821 8.48 2.88 19.27
N GLY A 836 19.65 -4.28 19.76
CA GLY A 836 19.87 -5.53 20.47
C GLY A 836 19.00 -5.64 21.71
N ARG A 837 19.17 -4.72 22.64
CA ARG A 837 18.35 -4.66 23.84
C ARG A 837 16.99 -4.08 23.48
N ASP A 838 16.98 -3.16 22.51
CA ASP A 838 15.75 -2.62 21.94
C ASP A 838 14.97 -3.72 21.23
N HIS A 839 15.67 -4.45 20.36
CA HIS A 839 15.05 -5.49 19.56
C HIS A 839 14.39 -6.56 20.43
N GLN A 840 15.08 -7.01 21.47
CA GLN A 840 14.57 -8.08 22.31
C GLN A 840 13.30 -7.66 23.05
N ALA A 841 13.21 -6.38 23.38
CA ALA A 841 12.03 -5.83 24.05
C ALA A 841 10.83 -5.87 23.10
N LEU A 842 11.04 -5.46 21.86
CA LEU A 842 9.95 -5.44 20.89
C LEU A 842 9.58 -6.85 20.45
N ALA A 843 10.59 -7.72 20.37
CA ALA A 843 10.37 -9.12 20.01
C ALA A 843 9.44 -9.79 21.01
N LYS A 844 9.64 -9.49 22.30
CA LYS A 844 8.83 -10.09 23.35
C LYS A 844 7.39 -9.59 23.29
N ALA A 845 7.21 -8.32 22.93
CA ALA A 845 5.88 -7.73 22.84
C ALA A 845 5.00 -8.44 21.81
N VAL A 846 5.60 -8.89 20.70
CA VAL A 846 4.84 -9.53 19.63
C VAL A 846 4.79 -11.05 19.76
N GLN A 847 5.48 -11.59 20.77
CA GLN A 847 5.44 -13.03 21.01
C GLN A 847 4.17 -13.42 21.76
N VAL A 848 3.34 -14.24 21.13
CA VAL A 848 2.06 -14.65 21.72
C VAL A 848 2.25 -15.78 22.72
N HIS A 849 1.28 -15.89 23.63
CA HIS A 849 1.28 -16.93 24.67
C HIS A 849 1.38 -18.32 24.03
N GLN A 850 1.88 -19.28 24.79
CA GLN A 850 2.04 -20.65 24.31
C GLN A 850 0.72 -21.22 23.80
N ASP A 851 -0.38 -20.89 24.47
CA ASP A 851 -1.70 -21.38 24.13
C ASP A 851 -2.31 -20.66 22.92
N THR A 852 -1.68 -19.56 22.51
CA THR A 852 -2.15 -18.78 21.37
C THR A 852 -1.42 -19.19 20.09
N LEU A 853 -0.25 -19.81 20.24
CA LEU A 853 0.58 -20.20 19.11
C LEU A 853 -0.13 -20.99 18.01
N ARG A 854 -0.95 -21.95 18.41
CA ARG A 854 -1.58 -22.86 17.45
C ARG A 854 -2.99 -22.42 17.08
N THR A 855 -3.31 -21.16 17.33
CA THR A 855 -4.66 -20.65 17.12
C THR A 855 -4.72 -19.63 15.98
N MET A 856 -5.94 -19.32 15.53
CA MET A 856 -6.18 -18.23 14.61
C MET A 856 -6.69 -17.03 15.40
N TYR A 857 -5.87 -16.58 16.35
CA TYR A 857 -6.17 -15.42 17.18
C TYR A 857 -6.31 -14.14 16.36
N PHE A 858 -5.75 -14.16 15.15
CA PHE A 858 -5.67 -12.97 14.32
C PHE A 858 -6.96 -12.70 13.57
N ALA A 859 -7.88 -13.66 13.59
CA ALA A 859 -9.16 -13.51 12.91
C ALA A 859 -9.96 -12.31 13.46
MG MG D . 3.66 -5.02 2.95
C1 IPH E . 8.47 -31.98 9.34
C2 IPH E . 7.96 -31.48 8.15
C3 IPH E . 8.61 -31.75 6.95
C4 IPH E . 9.76 -32.52 6.95
C5 IPH E . 10.27 -33.02 8.14
C6 IPH E . 9.61 -32.75 9.34
O1 IPH E . 7.83 -31.72 10.52
C1 IPH F . -2.48 -32.31 2.85
C2 IPH F . -2.68 -31.23 2.00
C3 IPH F . -3.16 -31.45 0.72
C4 IPH F . -3.45 -32.74 0.29
C5 IPH F . -3.25 -33.82 1.14
C6 IPH F . -2.77 -33.60 2.42
O1 IPH F . -2.00 -32.10 4.11
C1 IPH G . 14.25 -26.56 -3.31
C2 IPH G . 13.15 -26.81 -2.50
C3 IPH G . 13.31 -27.49 -1.30
C4 IPH G . 14.57 -27.93 -0.92
C5 IPH G . 15.67 -27.68 -1.72
C6 IPH G . 15.51 -27.00 -2.92
O1 IPH G . 14.07 -25.88 -4.48
C1 IPH H . -6.80 -17.68 21.68
C2 IPH H . -6.42 -16.37 21.88
C3 IPH H . -6.93 -15.38 21.08
C4 IPH H . -7.80 -15.69 20.06
C5 IPH H . -8.16 -17.01 19.84
C6 IPH H . -7.66 -18.00 20.65
O1 IPH H . -6.32 -18.65 22.47
MG MG I . 15.46 4.64 -2.01
MG MG J . -12.29 1.39 7.74
#